data_2AHO
#
_entry.id   2AHO
#
_cell.length_a   39.600
_cell.length_b   112.900
_cell.length_c   194.100
_cell.angle_alpha   90.00
_cell.angle_beta   90.00
_cell.angle_gamma   90.00
#
_symmetry.space_group_name_H-M   'P 21 21 21'
#
loop_
_entity.id
_entity.type
_entity.pdbx_description
1 polymer 'Translation initiation factor 2 gamma subunit'
2 polymer 'Translation initiation factor 2 alpha subunit'
3 non-polymer 'MAGNESIUM ION'
4 non-polymer 'ZINC ION'
5 non-polymer 'PHOSPHOAMINOPHOSPHONIC ACID-GUANYLATE ESTER'
6 water water
#
loop_
_entity_poly.entity_id
_entity_poly.type
_entity_poly.pdbx_seq_one_letter_code
_entity_poly.pdbx_strand_id
1 'polypeptide(L)'
;AWPKVQPEVNIGVVGHVDHGKTTLVQAITGIWTSKHSEELKRGMTIKLGYAETNIGVCESCKKPEAYVTEPSCKSCGSDD
EPKFLRRISFIDAPGHEVLMATMLSGAALMDGAILVVAANEPFPQPQTREHFVALGIIGVKNLIIVQNKVDVVSKEEALS
QYRQIKQFTKGTWAENVPIIPVSALHKINIDSLIEGIEEYIKTPYRDLSQKPVMLVIRSFDVNKPGTQFNELKGGVIGGS
IIQGLFKVDQEIKVLPGLRVEKQGKVSYEPIFTKISSIRFGDEEFKEAKPGGLVAIGTYLDPSLTKADNLLGSIITLADA
EVPVLWNIRIKYNLLERVVGAKEMLKVDPIRAKETLMLSVGSSTTLGIVTSVKKDEIEVELRRPVAVWSNNIRTVISRQI
AGRWRMIGWGLVEI
;
A
2 'polypeptide(L)'
;MIYSRSKLPSEGEILIATVKQVFDYGSYVSLDEYGGLQAFLPWSEVSSKWVKNIRDVLKENRKVIVKVIRVDRRKGTVDV
SLKKVTDDERRKKNLQWKKIQRLDKILELVSQKLKLSEKDAWEQVAWKLEAKYGDPITAIEKAVKEGEKILIDAGVPEIW
VKPLLEEASKHAEERKVKMSGLITVRTNEPLGVEKIKEVISKALENIEQDYESLLNIKIYTIGAPRYRVDVVGTNPKEAS
EALNQIISNLIKIGKEENVDISVVKK
;
B
#
# COMPACT_ATOMS: atom_id res chain seq x y z
N ALA A 1 21.01 7.94 24.82
CA ALA A 1 21.16 8.92 23.68
C ALA A 1 21.26 8.26 22.29
N TRP A 2 20.34 7.34 21.98
CA TRP A 2 20.37 6.60 20.70
C TRP A 2 19.77 7.27 19.48
N PRO A 3 20.14 6.78 18.28
CA PRO A 3 19.65 7.30 17.00
C PRO A 3 18.64 6.40 16.28
N LYS A 4 17.92 7.00 15.34
CA LYS A 4 16.93 6.29 14.54
C LYS A 4 17.56 5.99 13.16
N VAL A 5 18.14 4.81 13.03
CA VAL A 5 18.76 4.43 11.78
C VAL A 5 18.21 3.09 11.27
N GLN A 6 18.23 2.89 9.96
CA GLN A 6 17.73 1.65 9.37
C GLN A 6 18.69 0.51 9.70
N PRO A 7 18.15 -0.71 9.84
CA PRO A 7 18.95 -1.91 10.17
C PRO A 7 20.29 -1.99 9.45
N GLU A 8 21.32 -2.48 10.13
CA GLU A 8 22.63 -2.63 9.52
C GLU A 8 22.77 -4.00 8.87
N VAL A 9 22.32 -5.02 9.57
CA VAL A 9 22.45 -6.39 9.10
C VAL A 9 21.17 -7.21 9.16
N ASN A 10 21.09 -8.23 8.30
CA ASN A 10 19.97 -9.15 8.26
C ASN A 10 20.47 -10.48 8.78
N ILE A 11 19.84 -11.01 9.81
CA ILE A 11 20.24 -12.29 10.37
C ILE A 11 19.09 -13.25 10.21
N GLY A 12 19.28 -14.30 9.41
CA GLY A 12 18.22 -15.26 9.21
C GLY A 12 18.09 -16.03 10.50
N VAL A 13 16.99 -16.75 10.68
CA VAL A 13 16.77 -17.54 11.87
C VAL A 13 16.17 -18.84 11.38
N VAL A 14 17.02 -19.80 11.04
CA VAL A 14 16.56 -21.07 10.48
C VAL A 14 16.52 -22.20 11.50
N GLY A 15 16.02 -23.37 11.10
CA GLY A 15 15.99 -24.49 12.03
C GLY A 15 14.91 -25.53 11.71
N HIS A 16 14.86 -26.71 12.34
CA HIS A 16 13.82 -27.64 12.05
C HIS A 16 12.53 -26.94 12.45
N VAL A 17 11.38 -27.55 12.22
CA VAL A 17 10.15 -26.89 12.56
C VAL A 17 9.63 -26.93 13.99
N ASP A 18 9.13 -25.78 14.41
CA ASP A 18 8.59 -25.65 15.73
C ASP A 18 9.67 -25.81 16.84
N HIS A 19 10.94 -25.59 16.49
CA HIS A 19 12.06 -25.68 17.40
C HIS A 19 12.04 -24.30 18.02
N GLY A 20 11.13 -23.46 17.53
CA GLY A 20 11.01 -22.12 18.09
C GLY A 20 11.76 -20.93 17.50
N LYS A 21 11.83 -20.86 16.18
CA LYS A 21 12.51 -19.77 15.50
C LYS A 21 11.86 -18.41 15.79
N THR A 22 10.57 -18.29 15.51
CA THR A 22 9.88 -17.02 15.74
C THR A 22 9.94 -16.60 17.20
N THR A 23 9.73 -17.54 18.12
CA THR A 23 9.77 -17.23 19.54
C THR A 23 11.12 -16.62 19.91
N LEU A 24 12.23 -17.25 19.53
CA LEU A 24 13.56 -16.72 19.82
C LEU A 24 13.71 -15.29 19.32
N VAL A 25 13.19 -15.03 18.12
CA VAL A 25 13.28 -13.72 17.51
C VAL A 25 12.41 -12.76 18.29
N GLN A 26 11.37 -13.29 18.90
CA GLN A 26 10.46 -12.47 19.69
C GLN A 26 11.05 -12.21 21.06
N ALA A 27 12.01 -13.06 21.44
CA ALA A 27 12.68 -12.95 22.72
C ALA A 27 13.82 -11.97 22.60
N ILE A 28 14.20 -11.63 21.37
CA ILE A 28 15.30 -10.69 21.16
C ILE A 28 14.83 -9.32 20.72
N THR A 29 13.61 -9.24 20.20
CA THR A 29 13.09 -7.97 19.68
C THR A 29 11.77 -7.50 20.27
N GLY A 30 11.07 -8.38 20.96
CA GLY A 30 9.80 -8.00 21.54
C GLY A 30 8.68 -8.14 20.55
N ILE A 31 9.03 -8.14 19.27
CA ILE A 31 8.08 -8.26 18.16
C ILE A 31 8.03 -9.73 17.75
N TRP A 32 6.88 -10.17 17.25
CA TRP A 32 6.71 -11.54 16.79
C TRP A 32 6.09 -11.51 15.38
N THR A 33 6.44 -12.45 14.53
CA THR A 33 5.90 -12.50 13.17
C THR A 33 4.55 -13.22 13.12
N SER A 34 3.48 -12.44 13.12
CA SER A 34 2.09 -12.92 13.11
C SER A 34 1.88 -14.34 12.58
N GLY A 43 0.73 -18.51 15.01
CA GLY A 43 1.11 -19.91 14.88
C GLY A 43 2.43 -20.13 14.16
N MET A 44 2.47 -21.14 13.29
CA MET A 44 3.66 -21.47 12.51
C MET A 44 3.92 -20.39 11.47
N THR A 45 5.20 -20.22 11.11
CA THR A 45 5.55 -19.22 10.10
C THR A 45 5.28 -19.80 8.72
N ILE A 46 4.75 -18.97 7.83
CA ILE A 46 4.44 -19.39 6.47
C ILE A 46 5.24 -18.52 5.50
N LYS A 47 5.28 -17.23 5.81
CA LYS A 47 6.01 -16.26 5.00
C LYS A 47 7.18 -15.85 5.88
N LEU A 48 8.23 -15.30 5.28
CA LEU A 48 9.39 -14.89 6.06
C LEU A 48 8.95 -13.84 7.07
N GLY A 49 9.39 -13.98 8.31
CA GLY A 49 9.04 -13.03 9.35
C GLY A 49 10.08 -11.95 9.33
N TYR A 50 9.81 -10.81 9.95
CA TYR A 50 10.80 -9.74 9.96
C TYR A 50 10.75 -8.98 11.26
N ALA A 51 11.90 -8.61 11.81
CA ALA A 51 11.91 -7.85 13.05
C ALA A 51 13.18 -7.03 13.15
N GLU A 52 13.11 -5.91 13.85
CA GLU A 52 14.28 -5.06 13.98
C GLU A 52 14.55 -4.81 15.45
N THR A 53 15.78 -4.44 15.77
CA THR A 53 16.13 -4.16 17.15
C THR A 53 17.42 -3.36 17.17
N ASN A 54 17.56 -2.50 18.17
CA ASN A 54 18.79 -1.71 18.32
C ASN A 54 19.63 -2.55 19.26
N ILE A 55 20.92 -2.64 18.98
CA ILE A 55 21.83 -3.40 19.82
C ILE A 55 22.91 -2.54 20.43
N GLY A 56 22.89 -2.45 21.76
CA GLY A 56 23.88 -1.67 22.46
C GLY A 56 24.53 -2.42 23.60
N VAL A 57 25.71 -1.96 23.99
CA VAL A 57 26.46 -2.58 25.06
C VAL A 57 26.62 -1.60 26.21
N CYS A 58 26.74 -2.14 27.42
CA CYS A 58 26.89 -1.36 28.64
C CYS A 58 28.38 -1.13 28.96
N GLU A 59 28.90 0.02 28.55
CA GLU A 59 30.30 0.34 28.80
C GLU A 59 30.72 0.01 30.23
N SER A 60 29.94 0.50 31.19
CA SER A 60 30.25 0.33 32.61
C SER A 60 30.08 -1.02 33.33
N CYS A 61 29.55 -2.06 32.68
CA CYS A 61 29.45 -3.32 33.42
C CYS A 61 29.67 -4.66 32.70
N LYS A 62 29.45 -5.73 33.45
CA LYS A 62 29.67 -7.10 32.99
C LYS A 62 28.80 -7.68 31.88
N LYS A 63 29.49 -8.36 30.96
CA LYS A 63 28.90 -9.02 29.81
C LYS A 63 28.83 -10.49 30.21
N PRO A 64 27.85 -11.27 29.69
CA PRO A 64 26.77 -11.05 28.71
C PRO A 64 25.84 -9.89 29.04
N GLU A 65 25.21 -10.00 30.20
CA GLU A 65 24.28 -9.03 30.75
C GLU A 65 24.46 -7.59 30.31
N ALA A 66 25.68 -7.22 29.93
CA ALA A 66 25.95 -5.85 29.50
C ALA A 66 25.35 -5.47 28.16
N TYR A 67 24.85 -6.45 27.42
CA TYR A 67 24.29 -6.16 26.10
C TYR A 67 22.82 -5.78 26.12
N VAL A 68 22.61 -4.48 26.07
CA VAL A 68 21.29 -3.88 26.13
C VAL A 68 20.51 -3.88 24.83
N THR A 69 19.19 -3.93 24.93
CA THR A 69 18.30 -3.91 23.79
C THR A 69 17.68 -2.53 23.68
N GLU A 70 17.67 -1.82 24.81
CA GLU A 70 17.11 -0.47 24.88
C GLU A 70 18.08 0.45 25.62
N PRO A 71 18.02 1.77 25.35
CA PRO A 71 18.90 2.74 25.99
C PRO A 71 18.79 2.77 27.51
N SER A 72 19.24 1.71 28.18
CA SER A 72 19.16 1.68 29.65
C SER A 72 20.10 0.68 30.27
N CYS A 73 20.93 1.18 31.18
CA CYS A 73 21.89 0.35 31.86
C CYS A 73 21.46 0.09 33.30
N LYS A 74 20.53 0.87 33.81
CA LYS A 74 20.05 0.69 35.19
C LYS A 74 19.27 -0.61 35.31
N SER A 75 19.70 -1.62 34.55
CA SER A 75 19.07 -2.93 34.56
C SER A 75 19.93 -3.97 35.27
N CYS A 76 21.23 -3.73 35.32
CA CYS A 76 22.16 -4.64 35.97
C CYS A 76 23.43 -3.86 36.27
N GLY A 77 23.46 -3.26 37.45
CA GLY A 77 24.63 -2.47 37.80
C GLY A 77 24.19 -1.03 37.64
N SER A 78 24.75 -0.32 36.65
CA SER A 78 24.31 1.05 36.56
C SER A 78 24.44 1.91 35.31
N ASP A 79 23.84 3.06 35.55
CA ASP A 79 23.58 4.24 34.76
C ASP A 79 24.14 4.94 33.52
N ASP A 80 25.42 4.98 33.17
CA ASP A 80 25.64 5.75 31.95
C ASP A 80 24.83 5.10 30.82
N GLU A 81 24.18 5.92 29.99
CA GLU A 81 23.37 5.36 28.92
C GLU A 81 24.20 4.53 27.96
N PRO A 82 24.01 3.19 27.97
CA PRO A 82 24.74 2.27 27.10
C PRO A 82 24.94 2.82 25.69
N LYS A 83 26.00 2.38 25.02
CA LYS A 83 26.29 2.87 23.68
C LYS A 83 25.75 2.02 22.55
N PHE A 84 25.22 2.71 21.55
CA PHE A 84 24.63 2.10 20.38
C PHE A 84 25.71 1.51 19.48
N LEU A 85 25.50 0.28 19.06
CA LEU A 85 26.45 -0.40 18.18
C LEU A 85 25.92 -0.53 16.76
N ARG A 86 24.63 -0.89 16.65
CA ARG A 86 23.99 -1.10 15.35
C ARG A 86 22.56 -1.53 15.58
N ARG A 87 21.74 -1.42 14.54
CA ARG A 87 20.35 -1.88 14.62
C ARG A 87 20.29 -3.11 13.75
N ILE A 88 20.02 -4.27 14.33
CA ILE A 88 19.98 -5.49 13.53
C ILE A 88 18.55 -5.91 13.21
N SER A 89 18.40 -6.72 12.17
CA SER A 89 17.10 -7.23 11.76
C SER A 89 17.19 -8.75 11.52
N PHE A 90 16.06 -9.43 11.64
CA PHE A 90 16.05 -10.86 11.45
C PHE A 90 15.12 -11.30 10.30
N ILE A 91 15.46 -12.43 9.68
CA ILE A 91 14.65 -13.01 8.63
C ILE A 91 14.12 -14.32 9.21
N ASP A 92 12.99 -14.25 9.88
CA ASP A 92 12.38 -15.43 10.49
C ASP A 92 11.82 -16.42 9.47
N ALA A 93 12.63 -17.39 9.05
CA ALA A 93 12.23 -18.38 8.07
C ALA A 93 11.26 -19.40 8.63
N PRO A 94 10.49 -20.06 7.75
CA PRO A 94 9.51 -21.08 8.12
C PRO A 94 10.36 -22.29 8.38
N GLY A 95 9.77 -23.39 8.82
CA GLY A 95 10.59 -24.56 9.08
C GLY A 95 9.96 -25.85 8.61
N HIS A 96 8.65 -25.80 8.35
CA HIS A 96 7.92 -26.96 7.88
C HIS A 96 8.52 -27.44 6.55
N GLU A 97 8.83 -28.74 6.46
CA GLU A 97 9.43 -29.32 5.23
C GLU A 97 8.86 -28.81 3.88
N VAL A 98 7.58 -28.46 3.88
CA VAL A 98 6.92 -27.98 2.67
C VAL A 98 7.37 -26.59 2.22
N LEU A 99 7.67 -25.73 3.19
CA LEU A 99 8.07 -24.36 2.91
C LEU A 99 9.55 -24.18 2.65
N MET A 100 10.30 -25.27 2.56
CA MET A 100 11.72 -25.17 2.28
C MET A 100 11.93 -24.07 1.24
N ALA A 101 11.18 -24.14 0.15
CA ALA A 101 11.28 -23.17 -0.96
C ALA A 101 11.40 -21.71 -0.53
N THR A 102 10.61 -21.30 0.47
CA THR A 102 10.62 -19.92 0.95
C THR A 102 11.80 -19.58 1.87
N MET A 103 12.36 -20.56 2.57
CA MET A 103 13.55 -20.29 3.41
C MET A 103 14.73 -19.98 2.49
N LEU A 104 14.97 -20.84 1.49
CA LEU A 104 16.05 -20.59 0.51
C LEU A 104 15.83 -19.17 0.03
N SER A 105 14.57 -18.86 -0.28
CA SER A 105 14.22 -17.51 -0.73
C SER A 105 14.79 -16.50 0.26
N GLY A 106 14.50 -16.71 1.55
CA GLY A 106 15.01 -15.82 2.56
C GLY A 106 16.52 -15.94 2.72
N ALA A 107 17.07 -17.12 2.47
CA ALA A 107 18.50 -17.30 2.62
C ALA A 107 19.31 -16.33 1.77
N ALA A 108 18.67 -15.73 0.79
CA ALA A 108 19.36 -14.80 -0.10
C ALA A 108 19.39 -13.36 0.39
N LEU A 109 18.92 -13.14 1.61
CA LEU A 109 18.90 -11.81 2.22
C LEU A 109 19.65 -11.89 3.54
N MET A 110 20.11 -13.10 3.87
CA MET A 110 20.85 -13.38 5.10
C MET A 110 22.32 -12.95 5.04
N ASP A 111 22.77 -12.25 6.07
CA ASP A 111 24.16 -11.82 6.17
C ASP A 111 24.83 -12.73 7.15
N GLY A 112 24.01 -13.43 7.92
CA GLY A 112 24.47 -14.35 8.94
C GLY A 112 23.21 -15.05 9.40
N ALA A 113 23.31 -16.13 10.16
CA ALA A 113 22.09 -16.78 10.57
C ALA A 113 22.23 -17.42 11.94
N ILE A 114 21.12 -17.97 12.44
CA ILE A 114 21.10 -18.62 13.72
C ILE A 114 20.31 -19.91 13.63
N LEU A 115 21.02 -21.03 13.43
CA LEU A 115 20.36 -22.31 13.35
C LEU A 115 19.76 -22.55 14.75
N VAL A 116 18.53 -23.05 14.81
CA VAL A 116 17.90 -23.29 16.10
C VAL A 116 17.49 -24.74 16.32
N VAL A 117 18.32 -25.47 17.07
CA VAL A 117 18.08 -26.87 17.38
C VAL A 117 17.24 -27.00 18.65
N ALA A 118 16.20 -27.84 18.62
CA ALA A 118 15.36 -28.02 19.80
C ALA A 118 15.99 -28.98 20.78
N ALA A 119 16.22 -28.50 22.00
CA ALA A 119 16.82 -29.31 23.05
C ALA A 119 16.00 -30.56 23.31
N ASN A 120 14.69 -30.40 23.43
CA ASN A 120 13.80 -31.54 23.68
C ASN A 120 13.48 -32.41 22.47
N GLU A 121 14.47 -32.67 21.62
CA GLU A 121 14.28 -33.49 20.43
C GLU A 121 15.58 -34.01 19.86
N PRO A 122 15.52 -35.19 19.20
CA PRO A 122 16.64 -35.90 18.58
C PRO A 122 17.44 -35.05 17.61
N PHE A 123 18.15 -34.05 18.15
CA PHE A 123 18.96 -33.09 17.38
C PHE A 123 18.92 -33.13 15.85
N PRO A 124 19.56 -34.14 15.25
CA PRO A 124 19.54 -34.19 13.79
C PRO A 124 18.13 -34.43 13.24
N GLN A 125 17.31 -33.38 13.19
CA GLN A 125 15.96 -33.53 12.62
C GLN A 125 16.10 -33.18 11.13
N PRO A 126 15.20 -33.70 10.27
CA PRO A 126 15.26 -33.42 8.84
C PRO A 126 15.53 -31.94 8.47
N GLN A 127 14.66 -31.03 8.89
CA GLN A 127 14.87 -29.63 8.55
C GLN A 127 16.11 -29.02 9.20
N THR A 128 16.58 -29.63 10.29
CA THR A 128 17.77 -29.12 10.95
C THR A 128 18.95 -29.33 10.02
N ARG A 129 18.99 -30.50 9.37
CA ARG A 129 20.06 -30.80 8.43
C ARG A 129 19.93 -29.95 7.18
N GLU A 130 18.72 -29.92 6.61
CA GLU A 130 18.48 -29.17 5.39
C GLU A 130 18.90 -27.69 5.50
N HIS A 131 18.37 -27.00 6.49
CA HIS A 131 18.71 -25.59 6.72
C HIS A 131 20.19 -25.41 6.98
N PHE A 132 20.81 -26.44 7.52
CA PHE A 132 22.22 -26.38 7.80
C PHE A 132 23.07 -26.45 6.53
N VAL A 133 22.92 -27.54 5.76
CA VAL A 133 23.70 -27.64 4.54
C VAL A 133 23.23 -26.57 3.57
N ALA A 134 21.97 -26.15 3.71
CA ALA A 134 21.42 -25.11 2.83
C ALA A 134 22.21 -23.80 3.02
N LEU A 135 22.54 -23.47 4.27
CA LEU A 135 23.31 -22.27 4.56
C LEU A 135 24.73 -22.41 4.00
N GLY A 136 25.41 -23.49 4.39
CA GLY A 136 26.75 -23.75 3.92
C GLY A 136 26.92 -23.64 2.41
N ILE A 137 26.02 -24.31 1.68
CA ILE A 137 25.99 -24.31 0.23
C ILE A 137 25.81 -22.92 -0.32
N ILE A 138 24.92 -22.16 0.32
CA ILE A 138 24.65 -20.81 -0.16
C ILE A 138 25.76 -19.80 0.10
N GLY A 139 26.33 -19.81 1.29
CA GLY A 139 27.38 -18.86 1.59
C GLY A 139 27.15 -18.27 2.96
N VAL A 140 25.95 -18.41 3.48
CA VAL A 140 25.63 -17.88 4.81
C VAL A 140 26.48 -18.62 5.83
N LYS A 141 27.77 -18.32 5.85
CA LYS A 141 28.71 -19.00 6.74
C LYS A 141 28.79 -18.44 8.16
N ASN A 142 28.55 -17.14 8.35
CA ASN A 142 28.60 -16.58 9.70
C ASN A 142 27.46 -17.15 10.53
N LEU A 143 27.59 -18.39 10.96
CA LEU A 143 26.54 -19.04 11.73
C LEU A 143 26.71 -19.11 13.24
N ILE A 144 25.57 -19.16 13.93
CA ILE A 144 25.48 -19.31 15.39
C ILE A 144 24.44 -20.40 15.65
N ILE A 145 24.79 -21.44 16.39
CA ILE A 145 23.82 -22.47 16.69
C ILE A 145 23.17 -22.07 17.99
N VAL A 146 21.91 -22.43 18.17
CA VAL A 146 21.21 -22.08 19.39
C VAL A 146 20.36 -23.23 19.86
N GLN A 147 20.74 -23.82 21.00
CA GLN A 147 19.93 -24.90 21.55
C GLN A 147 18.88 -24.06 22.21
N ASN A 148 17.61 -24.34 21.98
CA ASN A 148 16.61 -23.47 22.52
C ASN A 148 15.64 -23.94 23.57
N LYS A 149 14.89 -25.00 23.34
CA LYS A 149 13.93 -25.35 24.37
C LYS A 149 14.49 -25.97 25.67
N VAL A 150 15.62 -25.47 26.16
CA VAL A 150 16.24 -26.02 27.38
C VAL A 150 15.30 -26.05 28.58
N ASP A 151 14.56 -24.96 28.79
CA ASP A 151 13.62 -24.87 29.90
C ASP A 151 12.77 -26.11 30.16
N VAL A 152 12.88 -27.13 29.33
CA VAL A 152 12.08 -28.33 29.53
C VAL A 152 12.85 -29.65 29.37
N VAL A 153 14.13 -29.65 29.74
CA VAL A 153 14.95 -30.86 29.63
C VAL A 153 15.87 -31.08 30.83
N SER A 154 16.49 -32.27 30.85
CA SER A 154 17.43 -32.63 31.90
C SER A 154 18.66 -31.75 31.73
N LYS A 155 19.38 -31.54 32.83
CA LYS A 155 20.57 -30.71 32.79
C LYS A 155 21.69 -31.56 32.19
N GLU A 156 21.38 -32.84 31.97
CA GLU A 156 22.31 -33.78 31.35
C GLU A 156 21.85 -33.98 29.91
N GLU A 157 20.53 -34.07 29.73
CA GLU A 157 19.94 -34.22 28.40
C GLU A 157 20.46 -33.10 27.52
N ALA A 158 20.13 -31.87 27.92
CA ALA A 158 20.55 -30.69 27.16
C ALA A 158 22.07 -30.61 27.03
N LEU A 159 22.77 -31.52 27.70
CA LEU A 159 24.23 -31.52 27.65
C LEU A 159 24.71 -32.71 26.83
N SER A 160 23.85 -33.72 26.75
CA SER A 160 24.16 -34.92 25.97
C SER A 160 24.05 -34.43 24.52
N GLN A 161 23.01 -33.64 24.28
CA GLN A 161 22.76 -33.07 22.97
C GLN A 161 23.89 -32.14 22.58
N TYR A 162 24.21 -31.19 23.45
CA TYR A 162 25.30 -30.26 23.19
C TYR A 162 26.46 -31.05 22.62
N ARG A 163 26.62 -32.28 23.13
CA ARG A 163 27.68 -33.18 22.68
C ARG A 163 27.48 -33.41 21.19
N GLN A 164 26.32 -33.96 20.87
CA GLN A 164 25.96 -34.25 19.48
C GLN A 164 26.11 -33.02 18.57
N ILE A 165 25.50 -31.89 18.93
CA ILE A 165 25.60 -30.66 18.13
C ILE A 165 27.09 -30.40 17.91
N LYS A 166 27.87 -30.65 18.95
CA LYS A 166 29.31 -30.44 18.93
C LYS A 166 29.92 -31.47 17.96
N GLN A 167 29.40 -32.68 18.03
CA GLN A 167 29.84 -33.79 17.20
C GLN A 167 29.58 -33.45 15.73
N PHE A 168 28.33 -33.10 15.45
CA PHE A 168 27.84 -32.72 14.13
C PHE A 168 28.64 -31.55 13.55
N THR A 169 28.72 -30.46 14.31
CA THR A 169 29.43 -29.27 13.86
C THR A 169 30.93 -29.51 13.68
N LYS A 170 31.32 -30.77 13.47
CA LYS A 170 32.74 -31.07 13.32
C LYS A 170 33.27 -31.03 11.88
N GLY A 171 33.39 -32.20 11.24
CA GLY A 171 33.90 -32.27 9.89
C GLY A 171 33.51 -31.12 8.97
N THR A 172 32.28 -30.62 9.14
CA THR A 172 31.74 -29.53 8.34
C THR A 172 32.52 -28.21 8.40
N TRP A 173 31.90 -27.14 7.92
CA TRP A 173 32.55 -25.82 7.94
C TRP A 173 32.21 -25.12 9.24
N ALA A 174 31.47 -25.80 10.11
CA ALA A 174 31.11 -25.25 11.39
C ALA A 174 32.19 -25.49 12.44
N GLU A 175 33.35 -24.86 12.26
CA GLU A 175 34.47 -24.99 13.21
C GLU A 175 33.99 -24.55 14.60
N ASN A 176 34.20 -23.28 14.95
CA ASN A 176 33.68 -22.79 16.21
C ASN A 176 32.40 -22.10 15.82
N VAL A 177 31.33 -22.87 15.88
CA VAL A 177 30.02 -22.36 15.61
C VAL A 177 29.47 -22.45 17.01
N PRO A 178 29.46 -21.32 17.71
CA PRO A 178 28.98 -21.25 19.08
C PRO A 178 27.67 -21.98 19.25
N ILE A 179 27.43 -22.53 20.43
CA ILE A 179 26.15 -23.17 20.68
C ILE A 179 25.75 -22.47 21.96
N ILE A 180 24.62 -21.77 21.92
CA ILE A 180 24.21 -21.06 23.11
C ILE A 180 22.81 -21.47 23.51
N PRO A 181 22.68 -22.14 24.67
CA PRO A 181 21.32 -22.52 25.03
C PRO A 181 20.56 -21.28 25.52
N VAL A 182 19.28 -21.21 25.19
CA VAL A 182 18.48 -20.09 25.60
C VAL A 182 17.14 -20.67 25.93
N SER A 183 16.17 -19.81 26.22
CA SER A 183 14.82 -20.25 26.52
C SER A 183 13.94 -19.16 25.93
N ALA A 184 13.86 -19.15 24.61
CA ALA A 184 13.08 -18.15 23.92
C ALA A 184 11.76 -17.85 24.61
N LEU A 185 11.16 -18.87 25.22
CA LEU A 185 9.88 -18.72 25.91
C LEU A 185 10.00 -17.84 27.15
N HIS A 186 11.04 -18.10 27.94
CA HIS A 186 11.24 -17.34 29.16
C HIS A 186 12.33 -16.27 29.01
N LYS A 187 12.74 -16.02 27.77
CA LYS A 187 13.75 -15.01 27.47
C LYS A 187 14.99 -15.13 28.35
N ILE A 188 15.36 -16.37 28.69
CA ILE A 188 16.54 -16.64 29.52
C ILE A 188 17.79 -16.86 28.67
N ASN A 189 18.86 -16.15 29.02
CA ASN A 189 20.14 -16.23 28.31
C ASN A 189 20.22 -15.46 26.98
N ILE A 190 19.18 -14.71 26.65
CA ILE A 190 19.18 -13.94 25.40
C ILE A 190 20.34 -12.94 25.39
N ASP A 191 20.83 -12.56 26.57
CA ASP A 191 21.94 -11.62 26.68
C ASP A 191 23.22 -12.13 26.00
N SER A 192 23.57 -13.39 26.26
CA SER A 192 24.76 -13.98 25.66
C SER A 192 24.58 -14.17 24.16
N LEU A 193 23.35 -14.40 23.71
CA LEU A 193 23.12 -14.57 22.29
C LEU A 193 23.45 -13.24 21.63
N ILE A 194 23.06 -12.15 22.26
CA ILE A 194 23.39 -10.85 21.69
C ILE A 194 24.91 -10.70 21.74
N GLU A 195 25.53 -11.29 22.76
CA GLU A 195 26.99 -11.25 22.89
C GLU A 195 27.51 -12.04 21.70
N GLY A 196 26.83 -13.15 21.42
CA GLY A 196 27.17 -14.02 20.32
C GLY A 196 26.98 -13.38 18.95
N ILE A 197 25.76 -12.97 18.64
CA ILE A 197 25.52 -12.37 17.34
C ILE A 197 26.31 -11.08 17.21
N GLU A 198 26.63 -10.43 18.33
CA GLU A 198 27.38 -9.18 18.24
C GLU A 198 28.85 -9.45 18.04
N GLU A 199 29.22 -10.72 17.94
CA GLU A 199 30.62 -11.09 17.74
C GLU A 199 30.87 -11.85 16.44
N TYR A 200 30.07 -12.89 16.21
CA TYR A 200 30.20 -13.72 15.02
C TYR A 200 29.48 -13.18 13.79
N ILE A 201 28.34 -12.52 13.97
CA ILE A 201 27.59 -11.96 12.85
C ILE A 201 27.92 -10.49 12.73
N LYS A 202 29.13 -10.21 12.26
CA LYS A 202 29.66 -8.86 12.09
C LYS A 202 29.11 -8.16 10.85
N THR A 203 28.62 -6.93 11.01
CA THR A 203 28.08 -6.20 9.85
C THR A 203 29.12 -6.13 8.75
N PRO A 204 28.74 -6.53 7.53
CA PRO A 204 29.61 -6.52 6.36
C PRO A 204 29.78 -5.16 5.71
N TYR A 205 30.89 -4.97 4.99
CA TYR A 205 31.12 -3.71 4.29
C TYR A 205 30.19 -3.66 3.08
N ARG A 206 29.71 -2.47 2.77
CA ARG A 206 28.79 -2.28 1.66
C ARG A 206 29.22 -1.20 0.68
N ASP A 207 29.85 -1.59 -0.42
CA ASP A 207 30.23 -0.59 -1.40
C ASP A 207 28.93 -0.06 -2.02
N LEU A 208 28.68 1.24 -1.86
CA LEU A 208 27.48 1.87 -2.39
C LEU A 208 27.65 2.32 -3.84
N SER A 209 28.82 2.04 -4.39
CA SER A 209 29.12 2.42 -5.76
C SER A 209 28.44 1.46 -6.71
N GLN A 210 28.32 0.20 -6.29
CA GLN A 210 27.69 -0.83 -7.09
C GLN A 210 26.32 -0.35 -7.55
N LYS A 211 25.80 -0.99 -8.59
CA LYS A 211 24.49 -0.65 -9.14
C LYS A 211 23.39 -1.07 -8.16
N PRO A 212 22.54 -0.12 -7.72
CA PRO A 212 21.48 -0.51 -6.78
C PRO A 212 20.67 -1.73 -7.28
N VAL A 213 20.60 -2.75 -6.44
CA VAL A 213 19.85 -3.96 -6.77
C VAL A 213 19.15 -4.48 -5.53
N MET A 214 17.82 -4.52 -5.56
CA MET A 214 17.05 -5.03 -4.42
C MET A 214 16.27 -6.31 -4.74
N LEU A 215 16.28 -7.25 -3.81
CA LEU A 215 15.55 -8.49 -4.01
C LEU A 215 14.20 -8.32 -3.33
N VAL A 216 13.13 -8.65 -4.05
CA VAL A 216 11.80 -8.50 -3.51
C VAL A 216 11.25 -9.79 -2.93
N ILE A 217 10.76 -9.72 -1.68
CA ILE A 217 10.17 -10.88 -1.02
C ILE A 217 8.73 -10.59 -0.65
N ARG A 218 8.26 -9.38 -0.96
CA ARG A 218 6.87 -9.01 -0.67
C ARG A 218 6.45 -7.78 -1.44
N SER A 219 5.13 -7.60 -1.54
CA SER A 219 4.54 -6.47 -2.24
C SER A 219 3.09 -6.47 -1.84
N PHE A 220 2.50 -5.30 -1.62
CA PHE A 220 1.11 -5.31 -1.25
C PHE A 220 0.40 -3.98 -1.46
N ASP A 221 -0.92 -4.05 -1.48
CA ASP A 221 -1.78 -2.89 -1.64
C ASP A 221 -2.03 -2.40 -0.23
N VAL A 222 -1.49 -1.22 0.11
CA VAL A 222 -1.67 -0.66 1.45
C VAL A 222 -3.07 -0.14 1.75
N ASN A 223 -3.81 0.24 0.71
CA ASN A 223 -5.15 0.82 0.85
C ASN A 223 -6.18 0.00 1.58
N LYS A 224 -6.67 0.58 2.67
CA LYS A 224 -7.69 -0.07 3.49
C LYS A 224 -8.98 -0.13 2.69
N PRO A 225 -9.82 -1.14 2.93
CA PRO A 225 -11.07 -1.21 2.19
C PRO A 225 -11.86 0.05 2.52
N GLY A 226 -12.38 0.73 1.51
CA GLY A 226 -13.13 1.94 1.78
C GLY A 226 -12.38 3.24 1.50
N THR A 227 -11.12 3.16 1.12
CA THR A 227 -10.36 4.36 0.81
C THR A 227 -10.88 4.94 -0.50
N GLN A 228 -11.17 6.24 -0.50
CA GLN A 228 -11.67 6.94 -1.70
C GLN A 228 -10.54 7.18 -2.70
N PHE A 229 -10.83 6.93 -3.97
CA PHE A 229 -9.86 7.12 -5.04
C PHE A 229 -9.04 8.38 -4.78
N ASN A 230 -9.64 9.28 -4.01
CA ASN A 230 -9.02 10.54 -3.65
C ASN A 230 -7.65 10.33 -2.99
N GLU A 231 -7.60 9.53 -1.93
CA GLU A 231 -6.33 9.29 -1.23
C GLU A 231 -5.78 7.88 -1.39
N LEU A 232 -5.85 7.34 -2.60
CA LEU A 232 -5.31 6.00 -2.83
C LEU A 232 -3.80 6.03 -2.85
N LYS A 233 -3.20 5.19 -2.02
CA LYS A 233 -1.75 5.10 -1.98
C LYS A 233 -1.34 4.06 -3.02
N GLY A 234 -0.24 4.33 -3.71
CA GLY A 234 0.23 3.40 -4.72
C GLY A 234 0.75 2.11 -4.11
N GLY A 235 0.98 1.11 -4.95
CA GLY A 235 1.47 -0.15 -4.45
C GLY A 235 2.83 -0.07 -3.78
N VAL A 236 3.05 -0.94 -2.78
CA VAL A 236 4.31 -0.99 -2.07
C VAL A 236 4.98 -2.30 -2.38
N ILE A 237 6.29 -2.25 -2.61
CA ILE A 237 7.09 -3.43 -2.92
C ILE A 237 8.14 -3.64 -1.85
N GLY A 238 7.96 -4.68 -1.05
CA GLY A 238 8.91 -4.98 0.02
C GLY A 238 10.04 -5.91 -0.37
N GLY A 239 11.26 -5.50 -0.07
CA GLY A 239 12.42 -6.30 -0.38
C GLY A 239 13.64 -6.02 0.48
N SER A 240 14.81 -6.44 0.02
CA SER A 240 16.05 -6.21 0.74
C SER A 240 17.15 -5.79 -0.23
N ILE A 241 17.85 -4.71 0.05
CA ILE A 241 18.91 -4.29 -0.85
C ILE A 241 20.15 -5.14 -0.67
N ILE A 242 20.74 -5.52 -1.80
CA ILE A 242 21.92 -6.36 -1.82
C ILE A 242 23.16 -5.57 -2.16
N GLN A 243 22.99 -4.44 -2.82
CA GLN A 243 24.14 -3.64 -3.18
C GLN A 243 23.77 -2.24 -3.65
N GLY A 244 24.65 -1.28 -3.39
CA GLY A 244 24.39 0.09 -3.77
C GLY A 244 23.40 0.70 -2.81
N LEU A 245 22.55 1.59 -3.33
CA LEU A 245 21.54 2.23 -2.51
C LEU A 245 20.58 3.06 -3.32
N PHE A 246 19.29 2.94 -3.02
CA PHE A 246 18.23 3.68 -3.68
C PHE A 246 17.87 4.87 -2.79
N LYS A 247 17.21 5.86 -3.38
CA LYS A 247 16.78 7.04 -2.65
C LYS A 247 15.45 7.46 -3.25
N VAL A 248 14.61 8.07 -2.43
CA VAL A 248 13.31 8.52 -2.90
C VAL A 248 13.41 9.38 -4.16
N ASP A 249 12.41 9.25 -5.02
CA ASP A 249 12.33 10.00 -6.27
C ASP A 249 13.11 9.40 -7.40
N GLN A 250 13.62 8.18 -7.22
CA GLN A 250 14.39 7.52 -8.28
C GLN A 250 13.54 6.75 -9.27
N GLU A 251 13.99 6.73 -10.52
CA GLU A 251 13.29 5.99 -11.56
C GLU A 251 13.77 4.54 -11.43
N ILE A 252 12.86 3.67 -11.03
CA ILE A 252 13.21 2.27 -10.83
C ILE A 252 12.38 1.34 -11.70
N LYS A 253 12.83 0.10 -11.82
CA LYS A 253 12.08 -0.86 -12.59
C LYS A 253 12.06 -2.21 -11.88
N VAL A 254 10.97 -2.94 -12.06
CA VAL A 254 10.83 -4.23 -11.43
C VAL A 254 10.99 -5.28 -12.54
N LEU A 255 11.87 -6.26 -12.30
CA LEU A 255 12.11 -7.33 -13.28
C LEU A 255 11.71 -8.68 -12.70
N PRO A 256 11.26 -9.61 -13.56
CA PRO A 256 11.08 -9.47 -15.01
C PRO A 256 9.90 -8.55 -15.30
N GLY A 257 9.30 -8.01 -14.25
CA GLY A 257 8.16 -7.13 -14.43
C GLY A 257 6.89 -7.90 -14.67
N LEU A 258 5.90 -7.25 -15.29
CA LEU A 258 4.61 -7.89 -15.56
C LEU A 258 4.69 -8.73 -16.83
N ARG A 259 3.87 -9.78 -16.88
CA ARG A 259 3.86 -10.66 -18.05
C ARG A 259 2.72 -10.43 -19.03
N VAL A 260 2.99 -10.79 -20.28
CA VAL A 260 2.03 -10.66 -21.37
C VAL A 260 1.64 -12.00 -21.96
N VAL A 266 4.23 -15.37 -25.05
CA VAL A 266 4.36 -14.88 -23.69
C VAL A 266 5.71 -14.20 -23.47
N SER A 267 5.72 -13.18 -22.62
CA SER A 267 6.95 -12.45 -22.31
C SER A 267 6.81 -11.66 -21.01
N TYR A 268 7.89 -10.98 -20.63
CA TYR A 268 7.88 -10.21 -19.40
C TYR A 268 8.51 -8.86 -19.62
N GLU A 269 7.66 -7.85 -19.78
CA GLU A 269 8.12 -6.49 -19.99
C GLU A 269 8.15 -5.72 -18.69
N PRO A 270 9.30 -5.06 -18.41
CA PRO A 270 9.62 -4.24 -17.24
C PRO A 270 8.57 -3.25 -16.71
N ILE A 271 8.33 -3.31 -15.40
CA ILE A 271 7.39 -2.40 -14.77
C ILE A 271 8.21 -1.24 -14.20
N PHE A 272 8.06 -0.07 -14.80
CA PHE A 272 8.80 1.13 -14.36
C PHE A 272 8.00 2.00 -13.39
N THR A 273 8.71 2.70 -12.52
CA THR A 273 8.06 3.58 -11.56
C THR A 273 9.09 4.48 -10.89
N LYS A 274 8.61 5.26 -9.94
CA LYS A 274 9.46 6.17 -9.19
C LYS A 274 9.30 5.83 -7.70
N ILE A 275 10.40 5.86 -6.96
CA ILE A 275 10.33 5.54 -5.54
C ILE A 275 9.61 6.64 -4.83
N SER A 276 8.36 6.37 -4.51
CA SER A 276 7.48 7.31 -3.81
C SER A 276 7.95 7.52 -2.39
N SER A 277 8.31 6.43 -1.73
CA SER A 277 8.75 6.49 -0.34
C SER A 277 9.71 5.38 0.04
N ILE A 278 10.39 5.56 1.16
CA ILE A 278 11.32 4.58 1.65
C ILE A 278 11.02 4.42 3.15
N ARG A 279 10.74 3.18 3.56
CA ARG A 279 10.41 2.91 4.95
C ARG A 279 11.06 1.63 5.47
N PHE A 280 11.52 1.69 6.72
CA PHE A 280 12.17 0.57 7.41
C PHE A 280 11.57 0.45 8.80
N GLY A 281 10.83 -0.63 9.05
CA GLY A 281 10.21 -0.73 10.34
C GLY A 281 9.21 0.40 10.31
N ASP A 282 8.79 0.90 11.45
CA ASP A 282 7.79 1.98 11.48
C ASP A 282 8.24 3.34 10.97
N GLU A 283 9.54 3.60 10.93
CA GLU A 283 10.01 4.89 10.50
C GLU A 283 10.34 5.04 9.02
N GLU A 284 10.07 6.22 8.48
CA GLU A 284 10.28 6.56 7.08
C GLU A 284 11.63 7.26 6.88
N PHE A 285 12.39 6.82 5.89
CA PHE A 285 13.68 7.44 5.58
C PHE A 285 13.68 8.05 4.18
N LYS A 286 14.80 8.66 3.81
CA LYS A 286 14.92 9.29 2.51
C LYS A 286 15.69 8.38 1.56
N GLU A 287 16.48 7.47 2.14
CA GLU A 287 17.29 6.54 1.36
C GLU A 287 17.36 5.18 2.05
N ALA A 288 17.63 4.15 1.26
CA ALA A 288 17.73 2.79 1.78
C ALA A 288 19.00 2.16 1.26
N LYS A 289 19.60 1.30 2.06
CA LYS A 289 20.84 0.63 1.67
C LYS A 289 20.75 -0.81 2.16
N PRO A 290 21.80 -1.62 1.88
CA PRO A 290 21.82 -3.03 2.30
C PRO A 290 21.49 -3.19 3.76
N GLY A 291 21.01 -4.37 4.14
CA GLY A 291 20.67 -4.62 5.53
C GLY A 291 19.29 -4.07 5.83
N GLY A 292 18.50 -4.82 6.58
CA GLY A 292 17.15 -4.39 6.93
C GLY A 292 16.21 -4.70 5.78
N LEU A 293 14.91 -4.60 6.02
CA LEU A 293 13.92 -4.90 5.00
C LEU A 293 13.09 -3.68 4.66
N VAL A 294 13.30 -3.13 3.46
CA VAL A 294 12.60 -1.92 3.03
C VAL A 294 11.25 -2.17 2.39
N ALA A 295 10.47 -1.10 2.35
CA ALA A 295 9.16 -1.12 1.75
C ALA A 295 9.22 0.05 0.79
N ILE A 296 9.52 -0.25 -0.46
CA ILE A 296 9.61 0.78 -1.49
C ILE A 296 8.22 1.19 -1.93
N GLY A 297 7.85 2.44 -1.63
CA GLY A 297 6.56 2.95 -2.04
C GLY A 297 6.68 3.37 -3.49
N THR A 298 5.80 2.88 -4.35
CA THR A 298 5.85 3.22 -5.76
C THR A 298 4.54 3.90 -6.17
N TYR A 299 4.55 4.59 -7.32
CA TYR A 299 3.35 5.28 -7.81
C TYR A 299 2.52 4.36 -8.72
N LEU A 300 2.67 3.05 -8.60
CA LEU A 300 1.89 2.20 -9.48
C LEU A 300 0.67 1.54 -8.86
N ASP A 301 -0.35 1.36 -9.71
CA ASP A 301 -1.62 0.76 -9.33
C ASP A 301 -1.42 -0.37 -8.33
N PRO A 302 -2.02 -0.24 -7.13
CA PRO A 302 -1.93 -1.24 -6.07
C PRO A 302 -2.23 -2.66 -6.54
N SER A 303 -2.82 -2.80 -7.71
CA SER A 303 -3.15 -4.11 -8.26
C SER A 303 -1.91 -4.89 -8.60
N LEU A 304 -0.99 -4.24 -9.30
CA LEU A 304 0.26 -4.87 -9.71
C LEU A 304 1.03 -5.48 -8.55
N THR A 305 0.86 -4.92 -7.35
CA THR A 305 1.60 -5.40 -6.17
C THR A 305 0.68 -5.66 -4.98
N LYS A 306 -0.14 -6.70 -5.03
CA LYS A 306 -1.03 -6.91 -3.88
C LYS A 306 -0.74 -8.16 -3.06
N ALA A 307 -1.46 -9.27 -3.28
CA ALA A 307 -1.20 -10.49 -2.52
C ALA A 307 0.32 -10.47 -2.42
N ASP A 308 1.04 -10.99 -3.37
CA ASP A 308 2.48 -10.76 -3.28
C ASP A 308 3.11 -10.88 -4.68
N ASN A 309 2.28 -10.69 -5.71
CA ASN A 309 2.62 -10.76 -7.14
C ASN A 309 4.09 -10.54 -7.50
N LEU A 310 4.69 -9.49 -6.97
CA LEU A 310 6.06 -9.20 -7.35
C LEU A 310 7.14 -9.88 -6.53
N LEU A 311 6.76 -10.96 -5.86
CA LEU A 311 7.68 -11.73 -5.06
C LEU A 311 8.66 -12.44 -5.98
N GLY A 312 9.95 -12.35 -5.66
CA GLY A 312 10.93 -13.02 -6.50
C GLY A 312 11.45 -12.11 -7.60
N SER A 313 10.87 -10.93 -7.72
CA SER A 313 11.32 -9.98 -8.73
C SER A 313 12.57 -9.32 -8.16
N ILE A 314 13.05 -8.28 -8.83
CA ILE A 314 14.20 -7.52 -8.37
C ILE A 314 13.96 -6.10 -8.85
N ILE A 315 14.44 -5.14 -8.08
CA ILE A 315 14.31 -3.73 -8.43
C ILE A 315 15.72 -3.19 -8.66
N THR A 316 15.85 -2.39 -9.72
CA THR A 316 17.09 -1.76 -10.09
C THR A 316 16.66 -0.42 -10.68
N LEU A 317 17.57 0.54 -10.74
CA LEU A 317 17.24 1.83 -11.31
C LEU A 317 16.86 1.60 -12.76
N ALA A 318 16.02 2.47 -13.31
CA ALA A 318 15.60 2.34 -14.70
C ALA A 318 16.84 2.47 -15.58
N ASP A 319 16.80 1.87 -16.76
CA ASP A 319 17.91 1.94 -17.69
C ASP A 319 19.20 1.39 -17.08
N ALA A 320 19.13 0.13 -16.68
CA ALA A 320 20.25 -0.57 -16.08
C ALA A 320 20.36 -1.81 -16.95
N GLU A 321 21.58 -2.33 -17.10
CA GLU A 321 21.79 -3.50 -17.94
C GLU A 321 21.57 -4.81 -17.19
N VAL A 322 20.37 -5.37 -17.37
CA VAL A 322 20.01 -6.60 -16.70
C VAL A 322 19.46 -7.68 -17.62
N PRO A 323 20.19 -8.79 -17.79
CA PRO A 323 19.66 -9.84 -18.66
C PRO A 323 18.46 -10.54 -18.00
N VAL A 324 17.40 -10.77 -18.77
CA VAL A 324 16.23 -11.48 -18.26
C VAL A 324 16.13 -12.71 -19.13
N LEU A 325 16.76 -13.80 -18.69
CA LEU A 325 16.78 -15.04 -19.45
C LEU A 325 15.61 -15.98 -19.22
N TRP A 326 15.38 -16.87 -20.18
CA TRP A 326 14.33 -17.85 -20.07
C TRP A 326 15.06 -19.16 -19.91
N ASN A 327 16.25 -19.18 -20.48
CA ASN A 327 17.09 -20.35 -20.42
C ASN A 327 18.33 -19.92 -19.68
N ILE A 328 18.89 -20.78 -18.86
CA ILE A 328 20.05 -20.41 -18.09
C ILE A 328 21.01 -21.57 -17.92
N ARG A 329 22.30 -21.29 -18.01
CA ARG A 329 23.32 -22.31 -17.86
C ARG A 329 23.71 -22.30 -16.39
N ILE A 330 23.91 -23.47 -15.80
CA ILE A 330 24.28 -23.51 -14.40
C ILE A 330 25.39 -24.50 -14.12
N LYS A 331 26.50 -24.00 -13.54
CA LYS A 331 27.60 -24.89 -13.15
C LYS A 331 27.10 -25.39 -11.81
N TYR A 332 26.98 -26.70 -11.65
CA TYR A 332 26.40 -27.22 -10.42
C TYR A 332 27.20 -28.28 -9.66
N ASN A 333 26.55 -28.80 -8.62
CA ASN A 333 27.09 -29.80 -7.73
C ASN A 333 25.86 -30.41 -7.05
N LEU A 334 25.96 -31.65 -6.59
CA LEU A 334 24.84 -32.27 -5.91
C LEU A 334 25.26 -32.79 -4.54
N LEU A 335 24.28 -32.95 -3.66
CA LEU A 335 24.53 -33.46 -2.32
C LEU A 335 24.53 -34.97 -2.47
N GLU A 336 25.38 -35.67 -1.72
CA GLU A 336 25.39 -37.13 -1.83
C GLU A 336 24.05 -37.73 -1.44
N ARG A 337 23.41 -37.20 -0.41
CA ARG A 337 22.10 -37.70 0.00
C ARG A 337 21.10 -36.56 -0.07
N VAL A 338 19.84 -36.86 0.16
CA VAL A 338 18.81 -35.83 0.13
C VAL A 338 18.40 -35.50 1.56
N VAL A 339 19.31 -34.91 2.32
CA VAL A 339 19.00 -34.54 3.70
C VAL A 339 17.73 -33.73 3.69
N GLY A 340 16.66 -34.27 4.25
CA GLY A 340 15.42 -33.53 4.25
C GLY A 340 14.24 -34.45 4.34
N ALA A 341 14.39 -35.65 3.78
CA ALA A 341 13.31 -36.63 3.85
C ALA A 341 13.71 -37.48 5.03
N LYS A 342 12.76 -38.11 5.69
CA LYS A 342 13.08 -38.95 6.84
C LYS A 342 14.15 -39.94 6.40
N GLU A 343 13.95 -40.49 5.22
CA GLU A 343 14.84 -41.48 4.62
C GLU A 343 15.97 -40.79 3.84
N MET A 344 17.22 -40.97 4.29
CA MET A 344 18.37 -40.35 3.63
C MET A 344 18.72 -40.92 2.26
N LEU A 345 17.74 -40.96 1.36
CA LEU A 345 17.93 -41.51 0.01
C LEU A 345 18.97 -40.80 -0.85
N LYS A 346 19.83 -41.59 -1.49
CA LYS A 346 20.90 -41.06 -2.32
C LYS A 346 20.34 -40.20 -3.45
N VAL A 347 20.99 -39.07 -3.74
CA VAL A 347 20.52 -38.19 -4.81
C VAL A 347 20.88 -38.80 -6.14
N ASP A 348 19.86 -39.05 -6.97
CA ASP A 348 20.05 -39.61 -8.29
C ASP A 348 20.52 -38.55 -9.26
N PRO A 349 21.37 -38.94 -10.22
CA PRO A 349 21.93 -38.06 -11.24
C PRO A 349 20.84 -37.15 -11.82
N ILE A 350 21.22 -36.04 -12.44
CA ILE A 350 20.20 -35.19 -13.05
C ILE A 350 19.96 -35.68 -14.47
N ARG A 351 18.72 -36.01 -14.77
CA ARG A 351 18.36 -36.52 -16.09
C ARG A 351 17.70 -35.48 -16.97
N ALA A 352 18.05 -35.49 -18.26
CA ALA A 352 17.49 -34.53 -19.19
C ALA A 352 15.99 -34.71 -19.30
N LYS A 353 15.28 -33.61 -19.45
CA LYS A 353 13.82 -33.61 -19.56
C LYS A 353 13.23 -33.80 -18.19
N GLU A 354 14.00 -33.44 -17.17
CA GLU A 354 13.52 -33.57 -15.82
C GLU A 354 13.02 -32.18 -15.44
N THR A 355 12.01 -32.13 -14.58
CA THR A 355 11.50 -30.84 -14.11
C THR A 355 12.10 -30.53 -12.75
N LEU A 356 12.83 -29.43 -12.67
CA LEU A 356 13.44 -29.07 -11.41
C LEU A 356 12.97 -27.72 -10.93
N MET A 357 13.23 -27.47 -9.65
CA MET A 357 12.90 -26.21 -9.03
C MET A 357 14.20 -25.43 -8.81
N LEU A 358 14.42 -24.41 -9.63
CA LEU A 358 15.61 -23.57 -9.50
C LEU A 358 15.27 -22.39 -8.62
N SER A 359 15.92 -22.32 -7.48
CA SER A 359 15.70 -21.24 -6.54
C SER A 359 16.79 -20.22 -6.81
N VAL A 360 16.44 -19.02 -7.27
CA VAL A 360 17.50 -18.02 -7.53
C VAL A 360 17.17 -16.67 -6.93
N GLY A 361 18.09 -16.15 -6.12
CA GLY A 361 17.84 -14.89 -5.46
C GLY A 361 16.70 -15.22 -4.51
N SER A 362 15.72 -14.33 -4.39
CA SER A 362 14.59 -14.60 -3.51
C SER A 362 13.48 -15.22 -4.34
N SER A 363 13.78 -15.49 -5.60
CA SER A 363 12.82 -16.09 -6.52
C SER A 363 12.95 -17.61 -6.61
N THR A 364 11.80 -18.26 -6.79
CA THR A 364 11.77 -19.70 -6.93
C THR A 364 11.07 -19.97 -8.26
N THR A 365 11.63 -20.86 -9.09
CA THR A 365 11.03 -21.13 -10.40
C THR A 365 11.12 -22.59 -10.81
N LEU A 366 10.35 -22.96 -11.83
CA LEU A 366 10.37 -24.33 -12.32
C LEU A 366 10.93 -24.37 -13.73
N GLY A 367 11.70 -25.42 -14.04
CA GLY A 367 12.26 -25.51 -15.37
C GLY A 367 12.62 -26.94 -15.73
N ILE A 368 12.46 -27.29 -17.00
CA ILE A 368 12.78 -28.64 -17.46
C ILE A 368 14.20 -28.69 -18.01
N VAL A 369 15.04 -29.49 -17.37
CA VAL A 369 16.43 -29.66 -17.78
C VAL A 369 16.47 -29.99 -19.25
N THR A 370 17.22 -29.23 -20.02
CA THR A 370 17.32 -29.50 -21.44
C THR A 370 18.66 -30.17 -21.76
N SER A 371 19.71 -29.77 -21.03
CA SER A 371 21.06 -30.33 -21.21
C SER A 371 21.71 -30.74 -19.87
N VAL A 372 22.47 -31.83 -19.89
CA VAL A 372 23.12 -32.32 -18.67
C VAL A 372 24.54 -32.80 -18.86
N LYS A 373 25.52 -32.11 -18.29
CA LYS A 373 26.90 -32.59 -18.37
C LYS A 373 27.46 -32.75 -16.94
N LYS A 374 28.73 -33.13 -16.82
CA LYS A 374 29.35 -33.35 -15.51
C LYS A 374 28.98 -32.29 -14.47
N ASP A 375 29.29 -31.02 -14.74
CA ASP A 375 28.93 -29.96 -13.79
C ASP A 375 28.37 -28.71 -14.47
N GLU A 376 27.33 -28.91 -15.26
CA GLU A 376 26.74 -27.81 -16.00
C GLU A 376 25.43 -28.36 -16.55
N ILE A 377 24.34 -27.62 -16.36
CA ILE A 377 23.03 -28.04 -16.89
C ILE A 377 22.33 -26.84 -17.45
N GLU A 378 21.49 -27.07 -18.45
CA GLU A 378 20.78 -25.98 -19.06
C GLU A 378 19.30 -26.09 -18.73
N VAL A 379 18.75 -25.03 -18.17
CA VAL A 379 17.35 -25.08 -17.78
C VAL A 379 16.51 -24.08 -18.55
N GLU A 380 15.34 -24.55 -19.01
CA GLU A 380 14.40 -23.73 -19.74
C GLU A 380 13.37 -23.46 -18.69
N LEU A 381 13.38 -22.23 -18.17
CA LEU A 381 12.48 -21.80 -17.09
C LEU A 381 11.05 -21.46 -17.54
N ARG A 382 10.08 -21.73 -16.67
CA ARG A 382 8.70 -21.39 -16.97
C ARG A 382 8.49 -19.87 -16.85
N ARG A 383 9.39 -19.24 -16.12
CA ARG A 383 9.33 -17.81 -15.89
C ARG A 383 10.77 -17.37 -16.05
N PRO A 384 11.00 -16.17 -16.60
CA PRO A 384 12.39 -15.75 -16.76
C PRO A 384 12.93 -15.35 -15.41
N VAL A 385 14.26 -15.28 -15.32
CA VAL A 385 14.93 -14.84 -14.12
C VAL A 385 15.66 -13.58 -14.56
N ALA A 386 15.82 -12.62 -13.66
CA ALA A 386 16.52 -11.39 -13.99
C ALA A 386 17.92 -11.49 -13.40
N VAL A 387 18.88 -11.81 -14.24
CA VAL A 387 20.27 -11.97 -13.79
C VAL A 387 21.11 -10.68 -13.74
N TRP A 388 21.28 -10.13 -12.54
CA TRP A 388 22.03 -8.88 -12.34
C TRP A 388 23.55 -9.04 -12.19
N SER A 389 24.04 -10.26 -12.03
CA SER A 389 25.47 -10.56 -11.88
C SER A 389 25.78 -11.91 -12.52
N ASN A 390 27.03 -12.34 -12.49
CA ASN A 390 27.40 -13.63 -13.08
C ASN A 390 27.68 -14.67 -12.00
N ASN A 391 27.36 -14.33 -10.78
CA ASN A 391 27.60 -15.26 -9.69
C ASN A 391 26.30 -15.75 -9.07
N ILE A 392 25.19 -15.08 -9.38
CA ILE A 392 23.89 -15.43 -8.82
C ILE A 392 23.81 -16.88 -8.34
N ARG A 393 24.02 -17.08 -7.05
CA ARG A 393 23.96 -18.39 -6.44
C ARG A 393 22.56 -19.00 -6.71
N THR A 394 22.51 -20.30 -6.95
CA THR A 394 21.24 -20.98 -7.20
C THR A 394 21.21 -22.30 -6.46
N VAL A 395 20.08 -22.66 -5.88
CA VAL A 395 19.95 -23.93 -5.18
C VAL A 395 18.91 -24.75 -5.95
N ILE A 396 19.19 -26.04 -6.13
CA ILE A 396 18.32 -26.93 -6.89
C ILE A 396 17.54 -27.97 -6.10
N SER A 397 16.21 -27.93 -6.25
CA SER A 397 15.34 -28.88 -5.57
C SER A 397 14.77 -29.79 -6.63
N ARG A 398 14.41 -31.00 -6.21
CA ARG A 398 13.81 -32.00 -7.08
C ARG A 398 12.61 -32.51 -6.31
N GLN A 399 11.55 -32.89 -7.03
CA GLN A 399 10.32 -33.36 -6.37
C GLN A 399 10.35 -34.79 -5.85
N ILE A 400 11.46 -35.19 -5.26
CA ILE A 400 11.61 -36.54 -4.74
C ILE A 400 10.33 -37.32 -4.41
N ALA A 401 9.50 -36.86 -3.48
CA ALA A 401 8.30 -37.65 -3.19
C ALA A 401 7.07 -36.83 -2.80
N GLY A 402 6.48 -36.16 -3.77
CA GLY A 402 5.32 -35.35 -3.47
C GLY A 402 5.74 -33.99 -2.98
N ARG A 403 6.72 -33.97 -2.07
CA ARG A 403 7.29 -32.74 -1.51
C ARG A 403 8.59 -32.42 -2.27
N TRP A 404 8.92 -31.13 -2.37
CA TRP A 404 10.13 -30.69 -3.07
C TRP A 404 11.37 -30.71 -2.19
N ARG A 405 12.39 -31.44 -2.61
CA ARG A 405 13.62 -31.55 -1.83
C ARG A 405 14.90 -30.99 -2.46
N MET A 406 15.69 -30.30 -1.65
CA MET A 406 16.96 -29.72 -2.09
C MET A 406 18.00 -30.79 -2.33
N ILE A 407 18.36 -31.00 -3.60
CA ILE A 407 19.37 -32.01 -3.96
C ILE A 407 20.71 -31.47 -4.46
N GLY A 408 20.86 -30.15 -4.52
CA GLY A 408 22.12 -29.59 -5.00
C GLY A 408 22.12 -28.08 -5.19
N TRP A 409 23.26 -27.55 -5.62
CA TRP A 409 23.34 -26.12 -5.84
C TRP A 409 24.20 -25.79 -7.05
N GLY A 410 24.49 -24.50 -7.22
CA GLY A 410 25.29 -24.10 -8.35
C GLY A 410 25.40 -22.60 -8.54
N LEU A 411 25.89 -22.22 -9.73
CA LEU A 411 26.08 -20.83 -10.10
C LEU A 411 25.50 -20.62 -11.48
N VAL A 412 24.86 -19.47 -11.67
CA VAL A 412 24.27 -19.10 -12.95
C VAL A 412 25.34 -18.37 -13.73
N GLU A 413 25.67 -18.86 -14.93
CA GLU A 413 26.70 -18.23 -15.73
C GLU A 413 26.22 -17.37 -16.90
N ILE A 414 27.00 -16.34 -17.18
CA ILE A 414 26.73 -15.40 -18.26
C ILE A 414 28.09 -14.98 -18.83
N MET B 1 -37.64 28.76 -4.77
CA MET B 1 -37.55 30.20 -4.36
C MET B 1 -36.32 30.56 -3.54
N ILE B 2 -35.66 31.63 -3.93
CA ILE B 2 -34.50 32.11 -3.21
C ILE B 2 -34.60 33.63 -3.26
N TYR B 3 -35.44 34.21 -2.41
CA TYR B 3 -35.58 35.65 -2.43
C TYR B 3 -34.23 36.25 -2.20
N SER B 4 -33.95 37.34 -2.92
CA SER B 4 -32.68 38.03 -2.82
C SER B 4 -32.90 39.34 -2.09
N ARG B 5 -31.84 39.86 -1.49
CA ARG B 5 -31.90 41.10 -0.72
C ARG B 5 -31.59 42.26 -1.65
N SER B 6 -31.92 42.07 -2.93
CA SER B 6 -31.66 43.08 -3.95
C SER B 6 -32.66 42.93 -5.08
N LYS B 7 -32.98 44.04 -5.74
CA LYS B 7 -33.92 44.02 -6.85
C LYS B 7 -33.28 43.36 -8.06
N LEU B 8 -32.11 43.86 -8.45
CA LEU B 8 -31.39 43.36 -9.60
C LEU B 8 -30.00 42.82 -9.25
N PRO B 9 -29.43 41.99 -10.12
CA PRO B 9 -28.10 41.40 -9.88
C PRO B 9 -26.98 42.34 -10.30
N SER B 10 -25.91 42.37 -9.51
CA SER B 10 -24.76 43.20 -9.82
C SER B 10 -24.23 42.81 -11.21
N GLU B 11 -23.87 43.80 -12.02
CA GLU B 11 -23.36 43.52 -13.36
C GLU B 11 -22.00 42.84 -13.26
N GLY B 12 -21.78 41.82 -14.09
CA GLY B 12 -20.51 41.13 -14.06
C GLY B 12 -20.52 40.02 -13.02
N GLU B 13 -21.69 39.80 -12.40
CA GLU B 13 -21.85 38.77 -11.39
C GLU B 13 -22.12 37.40 -12.03
N ILE B 14 -21.86 36.32 -11.29
CA ILE B 14 -22.14 34.98 -11.79
C ILE B 14 -23.42 34.56 -11.06
N LEU B 15 -24.05 33.48 -11.50
CA LEU B 15 -25.26 33.02 -10.83
C LEU B 15 -26.04 31.95 -11.60
N ILE B 16 -26.60 31.03 -10.82
CA ILE B 16 -27.41 29.93 -11.36
C ILE B 16 -28.67 30.52 -11.96
N ALA B 17 -28.93 30.19 -13.21
CA ALA B 17 -30.11 30.66 -13.91
C ALA B 17 -30.75 29.43 -14.55
N THR B 18 -32.04 29.47 -14.83
CA THR B 18 -32.67 28.34 -15.46
C THR B 18 -33.40 28.73 -16.73
N VAL B 19 -33.13 27.99 -17.80
CA VAL B 19 -33.74 28.23 -19.10
C VAL B 19 -35.25 28.01 -19.07
N LYS B 20 -35.99 29.10 -19.27
CA LYS B 20 -37.44 29.07 -19.24
C LYS B 20 -38.12 29.06 -20.60
N GLN B 21 -37.53 29.72 -21.59
CA GLN B 21 -38.17 29.76 -22.91
C GLN B 21 -37.19 29.93 -24.05
N VAL B 22 -37.31 29.10 -25.08
CA VAL B 22 -36.43 29.23 -26.23
C VAL B 22 -37.23 29.76 -27.42
N PHE B 23 -36.83 30.93 -27.91
CA PHE B 23 -37.48 31.57 -29.06
C PHE B 23 -36.52 31.58 -30.23
N ASP B 24 -36.99 32.09 -31.36
CA ASP B 24 -36.15 32.14 -32.55
C ASP B 24 -34.93 33.02 -32.35
N TYR B 25 -35.21 34.31 -32.10
CA TYR B 25 -34.18 35.33 -31.93
C TYR B 25 -33.63 35.52 -30.52
N GLY B 26 -33.73 34.48 -29.71
CA GLY B 26 -33.23 34.57 -28.34
C GLY B 26 -33.91 33.61 -27.39
N SER B 27 -33.60 33.75 -26.10
CA SER B 27 -34.17 32.89 -25.07
C SER B 27 -34.20 33.55 -23.68
N TYR B 28 -35.37 33.52 -23.03
CA TYR B 28 -35.50 34.08 -21.69
C TYR B 28 -35.07 33.02 -20.67
N VAL B 29 -34.18 33.41 -19.76
CA VAL B 29 -33.72 32.52 -18.72
C VAL B 29 -34.38 33.05 -17.44
N SER B 30 -34.06 32.46 -16.29
CA SER B 30 -34.66 32.89 -15.03
C SER B 30 -33.63 32.86 -13.90
N LEU B 31 -33.37 34.03 -13.35
CA LEU B 31 -32.41 34.16 -12.29
C LEU B 31 -32.94 33.65 -10.94
N ASP B 32 -32.59 32.40 -10.62
CA ASP B 32 -33.00 31.75 -9.36
C ASP B 32 -32.62 32.55 -8.11
N GLU B 33 -31.33 32.85 -7.95
CA GLU B 33 -30.85 33.60 -6.80
C GLU B 33 -31.44 34.99 -6.69
N TYR B 34 -32.45 35.27 -7.51
CA TYR B 34 -33.14 36.55 -7.50
C TYR B 34 -34.60 36.35 -7.86
N GLY B 35 -35.35 35.74 -6.95
CA GLY B 35 -36.76 35.51 -7.16
C GLY B 35 -37.17 35.09 -8.54
N GLY B 36 -36.26 34.51 -9.31
CA GLY B 36 -36.62 34.09 -10.65
C GLY B 36 -36.75 35.28 -11.58
N LEU B 37 -35.86 36.26 -11.39
CA LEU B 37 -35.84 37.47 -12.20
C LEU B 37 -35.45 37.05 -13.60
N GLN B 38 -36.36 37.28 -14.53
CA GLN B 38 -36.16 36.95 -15.93
C GLN B 38 -35.11 37.80 -16.60
N ALA B 39 -34.07 37.15 -17.11
CA ALA B 39 -33.00 37.84 -17.83
C ALA B 39 -33.15 37.34 -19.25
N PHE B 40 -32.34 37.85 -20.16
CA PHE B 40 -32.41 37.46 -21.57
C PHE B 40 -31.06 36.91 -22.03
N LEU B 41 -31.07 35.73 -22.62
CA LEU B 41 -29.85 35.12 -23.12
C LEU B 41 -29.95 35.13 -24.64
N PRO B 42 -29.20 36.02 -25.30
CA PRO B 42 -29.22 36.13 -26.75
C PRO B 42 -28.22 35.17 -27.35
N TRP B 43 -28.56 34.62 -28.51
CA TRP B 43 -27.69 33.68 -29.21
C TRP B 43 -26.23 34.16 -29.25
N SER B 44 -26.02 35.40 -29.65
CA SER B 44 -24.67 35.93 -29.74
C SER B 44 -23.88 35.64 -28.48
N GLU B 45 -24.59 35.25 -27.43
CA GLU B 45 -23.96 34.96 -26.14
C GLU B 45 -23.80 33.49 -25.79
N VAL B 46 -24.48 32.62 -26.53
CA VAL B 46 -24.40 31.18 -26.28
C VAL B 46 -23.21 30.53 -26.99
N SER B 47 -22.73 29.41 -26.44
CA SER B 47 -21.62 28.68 -27.02
C SER B 47 -20.40 29.58 -27.20
N ASN B 53 -25.56 19.39 -29.38
CA ASN B 53 -25.54 19.25 -27.93
C ASN B 53 -26.13 20.49 -27.25
N ILE B 54 -26.21 21.58 -28.00
CA ILE B 54 -26.79 22.82 -27.51
C ILE B 54 -28.20 22.40 -27.11
N ARG B 55 -28.62 21.24 -27.63
CA ARG B 55 -29.94 20.67 -27.36
C ARG B 55 -30.12 20.33 -25.89
N ASP B 56 -29.02 20.08 -25.19
CA ASP B 56 -29.13 19.75 -23.79
C ASP B 56 -28.83 20.90 -22.86
N VAL B 57 -28.05 21.86 -23.32
CA VAL B 57 -27.76 23.00 -22.48
C VAL B 57 -29.00 23.86 -22.53
N LEU B 58 -29.29 24.39 -23.71
CA LEU B 58 -30.46 25.24 -23.91
C LEU B 58 -31.76 24.42 -23.78
N LYS B 59 -31.87 23.63 -22.71
CA LYS B 59 -33.06 22.81 -22.53
C LYS B 59 -34.24 23.48 -21.88
N GLU B 60 -35.37 22.79 -21.94
CA GLU B 60 -36.64 23.26 -21.40
C GLU B 60 -36.56 23.76 -19.97
N ASN B 61 -35.78 23.10 -19.12
CA ASN B 61 -35.68 23.53 -17.73
C ASN B 61 -34.31 23.37 -17.09
N ARG B 62 -33.29 23.07 -17.90
CA ARG B 62 -31.96 22.90 -17.35
C ARG B 62 -31.52 24.13 -16.56
N LYS B 63 -30.59 23.93 -15.63
CA LYS B 63 -30.08 25.03 -14.84
C LYS B 63 -28.62 25.21 -15.20
N VAL B 64 -28.29 26.26 -15.95
CA VAL B 64 -26.92 26.51 -16.34
C VAL B 64 -26.44 27.75 -15.60
N ILE B 65 -25.13 27.93 -15.46
CA ILE B 65 -24.61 29.12 -14.78
C ILE B 65 -24.21 30.17 -15.82
N VAL B 66 -24.48 31.45 -15.53
CA VAL B 66 -24.17 32.52 -16.47
C VAL B 66 -23.71 33.84 -15.88
N LYS B 67 -22.98 34.61 -16.69
CA LYS B 67 -22.48 35.94 -16.32
C LYS B 67 -23.54 36.99 -16.65
N VAL B 68 -23.55 38.09 -15.89
CA VAL B 68 -24.56 39.12 -16.12
C VAL B 68 -24.10 40.26 -17.03
N ILE B 69 -24.08 39.98 -18.33
CA ILE B 69 -23.68 40.93 -19.36
C ILE B 69 -23.97 42.36 -18.93
N ARG B 70 -25.22 42.77 -19.11
CA ARG B 70 -25.63 44.12 -18.79
C ARG B 70 -26.87 44.18 -17.92
N VAL B 71 -26.94 45.23 -17.10
CA VAL B 71 -28.07 45.50 -16.23
C VAL B 71 -28.57 46.93 -16.42
N ASP B 72 -29.82 47.08 -16.84
CA ASP B 72 -30.37 48.42 -17.05
C ASP B 72 -31.28 48.74 -15.86
N ARG B 73 -30.67 49.25 -14.80
CA ARG B 73 -31.40 49.60 -13.58
C ARG B 73 -32.60 50.50 -13.87
N ARG B 74 -32.56 51.19 -15.01
CA ARG B 74 -33.65 52.08 -15.39
C ARG B 74 -34.91 51.32 -15.85
N LYS B 75 -34.74 50.44 -16.84
CA LYS B 75 -35.86 49.64 -17.34
C LYS B 75 -35.94 48.40 -16.47
N GLY B 76 -34.93 48.27 -15.60
CA GLY B 76 -34.87 47.15 -14.68
C GLY B 76 -34.80 45.79 -15.34
N THR B 77 -34.15 45.72 -16.50
CA THR B 77 -34.01 44.45 -17.22
C THR B 77 -32.56 43.99 -17.22
N VAL B 78 -32.35 42.71 -17.49
CA VAL B 78 -31.01 42.14 -17.50
C VAL B 78 -30.78 41.07 -18.57
N ASP B 79 -29.56 41.07 -19.10
CA ASP B 79 -29.15 40.11 -20.12
C ASP B 79 -27.92 39.37 -19.58
N VAL B 80 -27.90 38.05 -19.72
CA VAL B 80 -26.77 37.27 -19.23
C VAL B 80 -26.18 36.45 -20.37
N SER B 81 -25.01 35.86 -20.13
CA SER B 81 -24.33 35.01 -21.10
C SER B 81 -23.73 33.78 -20.44
N LEU B 82 -23.69 32.67 -21.17
CA LEU B 82 -23.10 31.46 -20.62
C LEU B 82 -21.75 31.22 -21.25
N LYS B 83 -21.34 32.15 -22.11
CA LYS B 83 -20.06 32.02 -22.79
C LYS B 83 -18.97 32.71 -21.99
N LYS B 84 -19.30 33.86 -21.39
CA LYS B 84 -18.37 34.64 -20.59
C LYS B 84 -17.98 33.96 -19.28
N VAL B 85 -18.77 32.98 -18.86
CA VAL B 85 -18.51 32.28 -17.63
C VAL B 85 -17.24 31.46 -17.77
N THR B 86 -16.28 31.72 -16.89
CA THR B 86 -14.99 31.03 -16.89
C THR B 86 -15.08 29.61 -16.34
N ASP B 87 -14.13 28.76 -16.71
CA ASP B 87 -14.11 27.38 -16.21
C ASP B 87 -13.89 27.41 -14.70
N ASP B 88 -13.28 28.49 -14.19
CA ASP B 88 -13.04 28.61 -12.76
C ASP B 88 -14.36 28.98 -12.08
N GLU B 89 -14.92 30.08 -12.56
CA GLU B 89 -16.19 30.60 -12.06
C GLU B 89 -17.29 29.55 -12.17
N ARG B 90 -17.12 28.60 -13.07
CA ARG B 90 -18.13 27.56 -13.28
C ARG B 90 -18.07 26.43 -12.26
N ARG B 91 -16.96 26.31 -11.52
CA ARG B 91 -16.81 25.24 -10.53
C ARG B 91 -17.04 25.79 -9.13
N LYS B 92 -16.33 26.87 -8.82
CA LYS B 92 -16.43 27.51 -7.52
C LYS B 92 -17.84 28.02 -7.29
N LYS B 93 -18.35 28.81 -8.23
CA LYS B 93 -19.70 29.36 -8.13
C LYS B 93 -20.75 28.28 -8.40
N ASN B 94 -20.29 27.03 -8.38
CA ASN B 94 -21.14 25.87 -8.59
C ASN B 94 -21.29 25.13 -7.27
N LEU B 95 -20.22 25.07 -6.49
CA LEU B 95 -20.31 24.43 -5.19
C LEU B 95 -21.29 25.26 -4.38
N GLN B 96 -21.27 26.58 -4.61
CA GLN B 96 -22.17 27.51 -3.94
C GLN B 96 -23.60 27.08 -4.20
N TRP B 97 -23.82 26.43 -5.34
CA TRP B 97 -25.15 25.98 -5.73
C TRP B 97 -25.68 24.94 -4.74
N LYS B 98 -25.03 23.78 -4.65
CA LYS B 98 -25.53 22.77 -3.72
C LYS B 98 -25.76 23.37 -2.34
N LYS B 99 -24.87 24.26 -1.89
CA LYS B 99 -25.04 24.90 -0.59
C LYS B 99 -26.29 25.78 -0.65
N ILE B 100 -26.35 26.67 -1.64
CA ILE B 100 -27.51 27.56 -1.80
C ILE B 100 -28.75 26.74 -2.17
N GLN B 101 -28.56 25.47 -2.51
CA GLN B 101 -29.67 24.60 -2.87
C GLN B 101 -30.12 23.77 -1.70
N ARG B 102 -29.31 23.78 -0.63
CA ARG B 102 -29.60 23.05 0.59
C ARG B 102 -30.42 24.04 1.42
N LEU B 103 -29.91 25.26 1.49
CA LEU B 103 -30.58 26.35 2.21
C LEU B 103 -32.02 26.44 1.70
N ASP B 104 -32.18 26.33 0.39
CA ASP B 104 -33.50 26.39 -0.23
C ASP B 104 -34.43 25.34 0.35
N LYS B 105 -34.22 24.07 0.01
CA LYS B 105 -35.07 22.99 0.52
C LYS B 105 -35.42 23.11 2.00
N ILE B 106 -34.48 23.59 2.80
CA ILE B 106 -34.75 23.71 4.23
C ILE B 106 -35.87 24.72 4.48
N LEU B 107 -35.61 25.97 4.11
CA LEU B 107 -36.58 27.05 4.29
C LEU B 107 -37.93 26.74 3.65
N GLU B 108 -37.92 26.21 2.43
CA GLU B 108 -39.16 25.87 1.75
C GLU B 108 -39.94 24.85 2.59
N LEU B 109 -39.23 24.14 3.47
CA LEU B 109 -39.87 23.13 4.32
C LEU B 109 -40.21 23.69 5.70
N VAL B 110 -39.28 24.47 6.26
CA VAL B 110 -39.49 25.06 7.56
C VAL B 110 -40.73 25.95 7.49
N SER B 111 -40.77 26.80 6.47
CA SER B 111 -41.89 27.72 6.26
C SER B 111 -43.17 26.95 5.96
N GLN B 112 -43.09 25.98 5.06
CA GLN B 112 -44.28 25.21 4.71
C GLN B 112 -44.88 24.69 6.00
N LYS B 113 -44.03 24.36 6.97
CA LYS B 113 -44.48 23.85 8.25
C LYS B 113 -45.04 24.94 9.14
N LEU B 114 -44.31 26.04 9.28
CA LEU B 114 -44.76 27.16 10.09
C LEU B 114 -45.85 28.00 9.38
N LYS B 115 -46.60 27.35 8.48
CA LYS B 115 -47.67 27.99 7.69
C LYS B 115 -47.30 29.44 7.41
N LEU B 116 -46.03 29.66 7.08
CA LEU B 116 -45.54 30.98 6.78
C LEU B 116 -45.23 31.15 5.31
N SER B 117 -44.21 31.93 5.01
CA SER B 117 -43.81 32.18 3.64
C SER B 117 -42.32 32.05 3.50
N GLU B 118 -41.87 31.72 2.31
CA GLU B 118 -40.45 31.57 2.09
C GLU B 118 -39.73 32.91 2.19
N LYS B 119 -40.39 33.97 1.77
CA LYS B 119 -39.77 35.29 1.81
C LYS B 119 -39.55 35.65 3.26
N ASP B 120 -40.45 35.18 4.12
CA ASP B 120 -40.32 35.45 5.53
C ASP B 120 -39.19 34.57 6.03
N ALA B 121 -39.07 33.39 5.41
CA ALA B 121 -38.03 32.41 5.76
C ALA B 121 -36.65 32.83 5.24
N TRP B 122 -36.61 33.67 4.20
CA TRP B 122 -35.35 34.10 3.66
C TRP B 122 -34.87 35.44 4.20
N GLU B 123 -35.77 36.18 4.83
CA GLU B 123 -35.41 37.51 5.32
C GLU B 123 -34.99 37.53 6.80
N GLN B 124 -35.51 36.59 7.56
CA GLN B 124 -35.19 36.51 8.97
C GLN B 124 -34.08 35.47 9.21
N VAL B 125 -34.25 34.28 8.64
CA VAL B 125 -33.25 33.23 8.74
C VAL B 125 -32.03 33.57 7.87
N ALA B 126 -32.07 33.10 6.62
CA ALA B 126 -30.99 33.27 5.65
C ALA B 126 -30.38 34.66 5.54
N TRP B 127 -31.22 35.68 5.50
CA TRP B 127 -30.68 37.03 5.39
C TRP B 127 -29.85 37.45 6.60
N LYS B 128 -30.33 37.08 7.78
CA LYS B 128 -29.64 37.46 9.00
C LYS B 128 -28.41 36.59 9.25
N LEU B 129 -28.50 35.30 8.96
CA LEU B 129 -27.34 34.43 9.16
C LEU B 129 -26.25 34.92 8.23
N GLU B 130 -26.65 35.78 7.27
CA GLU B 130 -25.74 36.35 6.29
C GLU B 130 -24.80 37.38 6.93
N ALA B 131 -25.29 38.09 7.94
CA ALA B 131 -24.49 39.09 8.65
C ALA B 131 -23.35 38.33 9.31
N LYS B 132 -23.69 37.30 10.08
CA LYS B 132 -22.68 36.46 10.73
C LYS B 132 -22.00 35.83 9.54
N TYR B 133 -20.91 36.45 9.08
CA TYR B 133 -20.16 35.98 7.93
C TYR B 133 -20.36 34.52 7.60
N GLY B 134 -20.99 34.23 6.47
CA GLY B 134 -21.11 32.84 6.13
C GLY B 134 -22.38 32.31 5.51
N ASP B 135 -22.19 31.35 4.60
CA ASP B 135 -23.29 30.71 3.95
C ASP B 135 -24.22 30.36 5.09
N PRO B 136 -25.38 31.02 5.18
CA PRO B 136 -26.22 30.63 6.31
C PRO B 136 -26.34 29.11 6.47
N ILE B 137 -26.13 28.37 5.40
CA ILE B 137 -26.21 26.90 5.45
C ILE B 137 -25.09 26.27 6.28
N THR B 138 -23.98 26.98 6.46
CA THR B 138 -22.87 26.47 7.25
C THR B 138 -23.01 26.92 8.70
N ALA B 139 -23.67 28.05 8.92
CA ALA B 139 -23.87 28.53 10.27
C ALA B 139 -24.91 27.64 10.93
N ILE B 140 -25.68 26.93 10.10
CA ILE B 140 -26.69 26.00 10.60
C ILE B 140 -25.94 24.71 10.85
N GLU B 141 -24.90 24.49 10.04
CA GLU B 141 -24.05 23.30 10.12
C GLU B 141 -23.60 23.15 11.58
N LYS B 142 -23.22 24.29 12.19
CA LYS B 142 -22.77 24.32 13.58
C LYS B 142 -23.94 24.12 14.55
N ALA B 143 -25.07 24.73 14.25
CA ALA B 143 -26.23 24.65 15.11
C ALA B 143 -26.62 23.24 15.51
N VAL B 144 -26.98 22.39 14.54
CA VAL B 144 -27.38 21.01 14.84
C VAL B 144 -26.35 20.30 15.71
N LYS B 145 -25.07 20.39 15.33
CA LYS B 145 -24.00 19.75 16.08
C LYS B 145 -23.82 20.42 17.46
N GLU B 146 -23.62 21.73 17.45
CA GLU B 146 -23.45 22.46 18.70
C GLU B 146 -24.79 22.73 19.38
N GLY B 147 -25.38 23.89 19.13
CA GLY B 147 -26.66 24.20 19.75
C GLY B 147 -27.34 25.41 19.15
N GLU B 148 -28.66 25.49 19.30
CA GLU B 148 -29.45 26.60 18.76
C GLU B 148 -29.07 27.97 19.32
N LYS B 149 -27.86 28.06 19.87
CA LYS B 149 -27.38 29.32 20.43
C LYS B 149 -26.74 30.10 19.29
N ILE B 150 -26.37 29.38 18.22
CA ILE B 150 -25.74 29.97 17.06
C ILE B 150 -26.67 30.85 16.22
N LEU B 151 -27.92 30.41 16.10
CA LEU B 151 -28.91 31.14 15.33
C LEU B 151 -29.41 32.37 16.09
N ILE B 152 -29.83 32.15 17.33
CA ILE B 152 -30.34 33.24 18.16
C ILE B 152 -29.41 34.43 18.23
N ASP B 153 -28.11 34.15 18.27
CA ASP B 153 -27.13 35.23 18.32
C ASP B 153 -27.18 36.03 17.02
N ALA B 154 -27.59 35.35 15.94
CA ALA B 154 -27.66 35.98 14.63
C ALA B 154 -28.87 36.90 14.55
N GLY B 155 -29.85 36.64 15.40
CA GLY B 155 -31.05 37.46 15.40
C GLY B 155 -32.13 36.79 14.58
N VAL B 156 -31.94 35.50 14.34
CA VAL B 156 -32.89 34.71 13.57
C VAL B 156 -34.13 34.48 14.40
N PRO B 157 -35.20 35.29 14.17
CA PRO B 157 -36.43 35.10 14.94
C PRO B 157 -36.60 33.69 15.41
N GLU B 158 -36.92 33.59 16.69
CA GLU B 158 -37.02 32.33 17.40
C GLU B 158 -38.29 31.54 17.15
N ILE B 159 -38.70 31.57 15.91
CA ILE B 159 -39.85 30.84 15.52
C ILE B 159 -39.27 29.78 14.63
N TRP B 160 -38.15 30.17 14.03
CA TRP B 160 -37.41 29.32 13.12
C TRP B 160 -36.46 28.39 13.88
N VAL B 161 -35.54 28.99 14.64
CA VAL B 161 -34.55 28.25 15.43
C VAL B 161 -34.78 26.73 15.48
N LYS B 162 -35.67 26.29 16.36
CA LYS B 162 -35.96 24.87 16.49
C LYS B 162 -36.50 24.25 15.20
N PRO B 163 -37.65 24.74 14.69
CA PRO B 163 -38.19 24.17 13.45
C PRO B 163 -37.06 23.89 12.44
N LEU B 164 -36.10 24.80 12.41
CA LEU B 164 -34.93 24.69 11.54
C LEU B 164 -34.16 23.42 11.90
N LEU B 165 -33.32 23.55 12.93
CA LEU B 165 -32.48 22.48 13.44
C LEU B 165 -33.02 21.10 13.15
N GLU B 166 -34.14 20.77 13.79
CA GLU B 166 -34.79 19.50 13.60
C GLU B 166 -34.99 19.20 12.11
N GLU B 167 -35.78 20.05 11.44
CA GLU B 167 -36.07 19.89 10.01
C GLU B 167 -34.82 19.79 9.13
N ALA B 168 -33.68 20.19 9.67
CA ALA B 168 -32.42 20.15 8.92
C ALA B 168 -31.81 18.76 9.00
N SER B 169 -31.81 18.19 10.20
CA SER B 169 -31.25 16.87 10.44
C SER B 169 -31.98 15.72 9.75
N LYS B 170 -33.14 15.37 10.26
CA LYS B 170 -33.95 14.28 9.72
C LYS B 170 -34.46 14.51 8.30
N HIS B 171 -33.95 15.54 7.63
CA HIS B 171 -34.38 15.87 6.27
C HIS B 171 -33.75 14.93 5.23
N ALA B 172 -32.45 15.07 5.03
CA ALA B 172 -31.72 14.26 4.07
C ALA B 172 -31.97 12.77 4.27
N GLU B 173 -32.25 12.37 5.51
CA GLU B 173 -32.49 10.96 5.83
C GLU B 173 -33.57 10.33 4.97
N GLU B 174 -34.83 10.72 5.20
CA GLU B 174 -35.97 10.19 4.47
C GLU B 174 -36.02 10.78 3.05
N ARG B 175 -34.98 11.53 2.71
CA ARG B 175 -34.86 12.15 1.38
C ARG B 175 -33.66 11.51 0.68
N LYS B 176 -32.99 10.58 1.37
CA LYS B 176 -31.80 9.90 0.87
C LYS B 176 -31.99 8.49 0.32
N VAL B 177 -31.38 8.26 -0.85
CA VAL B 177 -31.40 6.99 -1.54
C VAL B 177 -29.98 6.72 -2.06
N LYS B 178 -29.60 5.44 -2.12
CA LYS B 178 -28.26 5.08 -2.56
C LYS B 178 -28.21 4.13 -3.77
N MET B 179 -27.40 4.49 -4.75
CA MET B 179 -27.20 3.68 -5.96
C MET B 179 -25.70 3.45 -6.08
N SER B 180 -25.28 2.25 -6.45
CA SER B 180 -23.85 2.00 -6.58
C SER B 180 -23.51 0.91 -7.60
N GLY B 181 -22.26 0.93 -8.06
CA GLY B 181 -21.81 -0.05 -9.02
C GLY B 181 -20.40 -0.50 -8.70
N LEU B 182 -20.03 -1.69 -9.16
CA LEU B 182 -18.70 -2.23 -8.90
C LEU B 182 -17.92 -2.21 -10.20
N ILE B 183 -16.77 -1.57 -10.21
CA ILE B 183 -15.97 -1.52 -11.43
C ILE B 183 -14.57 -2.06 -11.18
N THR B 184 -13.82 -2.30 -12.26
CA THR B 184 -12.46 -2.79 -12.17
C THR B 184 -11.55 -1.78 -12.85
N VAL B 185 -10.48 -1.37 -12.16
CA VAL B 185 -9.56 -0.39 -12.69
C VAL B 185 -8.11 -0.87 -12.60
N ARG B 186 -7.52 -1.16 -13.74
CA ARG B 186 -6.14 -1.65 -13.81
C ARG B 186 -5.28 -0.67 -14.61
N THR B 187 -3.98 -0.65 -14.34
CA THR B 187 -3.06 0.23 -15.06
C THR B 187 -1.66 -0.33 -14.99
N ASN B 188 -0.81 0.03 -15.93
CA ASN B 188 0.57 -0.45 -15.93
C ASN B 188 1.45 0.77 -16.04
N GLU B 189 0.80 1.93 -16.05
CA GLU B 189 1.51 3.18 -16.17
C GLU B 189 2.42 3.38 -14.96
N PRO B 190 3.62 3.94 -15.16
CA PRO B 190 4.56 4.19 -14.05
C PRO B 190 3.92 4.96 -12.89
N LEU B 191 2.98 5.85 -13.20
CA LEU B 191 2.29 6.62 -12.18
C LEU B 191 0.80 6.31 -12.29
N GLY B 192 0.49 5.06 -12.62
CA GLY B 192 -0.88 4.62 -12.79
C GLY B 192 -1.81 4.91 -11.63
N VAL B 193 -1.25 5.32 -10.49
CA VAL B 193 -2.07 5.64 -9.33
C VAL B 193 -2.52 7.10 -9.46
N GLU B 194 -1.80 7.85 -10.28
CA GLU B 194 -2.15 9.23 -10.50
C GLU B 194 -3.16 9.24 -11.63
N LYS B 195 -2.93 8.39 -12.62
CA LYS B 195 -3.84 8.30 -13.75
C LYS B 195 -5.21 7.87 -13.28
N ILE B 196 -5.24 7.06 -12.23
CA ILE B 196 -6.52 6.61 -11.68
C ILE B 196 -7.13 7.76 -10.90
N LYS B 197 -6.27 8.63 -10.37
CA LYS B 197 -6.71 9.78 -9.58
C LYS B 197 -7.00 10.94 -10.50
N GLU B 198 -6.91 10.69 -11.80
CA GLU B 198 -7.20 11.69 -12.81
C GLU B 198 -8.45 11.23 -13.52
N VAL B 199 -8.33 10.14 -14.27
CA VAL B 199 -9.45 9.58 -15.02
C VAL B 199 -10.72 9.59 -14.17
N ILE B 200 -10.58 9.29 -12.87
CA ILE B 200 -11.75 9.30 -12.00
C ILE B 200 -12.18 10.74 -11.80
N SER B 201 -11.24 11.61 -11.39
CA SER B 201 -11.58 13.01 -11.18
C SER B 201 -11.57 13.84 -12.46
N LYS B 202 -12.08 13.25 -13.54
CA LYS B 202 -12.19 13.89 -14.84
C LYS B 202 -13.54 13.41 -15.32
N ALA B 203 -13.78 12.12 -15.08
CA ALA B 203 -15.04 11.48 -15.46
C ALA B 203 -16.07 11.91 -14.43
N LEU B 204 -15.63 12.01 -13.19
CA LEU B 204 -16.49 12.42 -12.10
C LEU B 204 -16.25 13.91 -11.96
N GLU B 205 -16.59 14.64 -13.01
CA GLU B 205 -16.41 16.09 -13.03
C GLU B 205 -17.62 16.77 -13.64
N ASN B 206 -17.99 17.92 -13.08
CA ASN B 206 -19.14 18.70 -13.56
C ASN B 206 -20.38 17.81 -13.68
N ILE B 207 -20.38 16.70 -12.96
CA ILE B 207 -21.51 15.77 -12.98
C ILE B 207 -22.63 16.35 -12.11
N GLU B 208 -22.25 17.22 -11.18
CA GLU B 208 -23.20 17.85 -10.28
C GLU B 208 -24.11 18.87 -10.97
N GLN B 209 -24.12 18.86 -12.30
CA GLN B 209 -24.96 19.78 -13.06
C GLN B 209 -25.77 18.98 -14.08
N ASP B 210 -25.08 18.26 -14.95
CA ASP B 210 -25.71 17.44 -15.98
C ASP B 210 -26.68 16.49 -15.33
N TYR B 211 -26.26 15.24 -15.04
CA TYR B 211 -27.20 14.36 -14.29
C TYR B 211 -27.35 15.17 -13.05
N GLU B 212 -28.49 15.84 -12.91
CA GLU B 212 -28.53 16.79 -11.84
C GLU B 212 -28.88 16.62 -10.42
N SER B 213 -29.67 17.49 -9.80
CA SER B 213 -29.34 17.29 -8.46
C SER B 213 -29.97 16.59 -7.32
N LEU B 214 -28.84 15.96 -7.06
CA LEU B 214 -28.39 14.95 -6.18
C LEU B 214 -27.55 15.47 -5.07
N LEU B 215 -27.30 14.49 -4.23
CA LEU B 215 -26.68 14.63 -2.94
C LEU B 215 -25.22 14.28 -2.62
N ASN B 216 -24.55 13.42 -3.38
CA ASN B 216 -23.21 13.05 -2.93
C ASN B 216 -22.67 11.92 -3.79
N ILE B 217 -21.37 11.95 -4.08
CA ILE B 217 -20.79 10.88 -4.89
C ILE B 217 -19.42 10.46 -4.38
N LYS B 218 -19.26 9.15 -4.21
CA LYS B 218 -18.01 8.59 -3.72
C LYS B 218 -17.48 7.43 -4.57
N ILE B 219 -16.17 7.42 -4.79
CA ILE B 219 -15.53 6.36 -5.57
C ILE B 219 -14.39 5.84 -4.72
N TYR B 220 -14.46 4.58 -4.33
CA TYR B 220 -13.42 4.01 -3.49
C TYR B 220 -12.97 2.61 -3.89
N THR B 221 -11.86 2.19 -3.29
CA THR B 221 -11.32 0.89 -3.54
C THR B 221 -11.96 -0.05 -2.54
N ILE B 222 -12.50 -1.16 -3.01
CA ILE B 222 -13.11 -2.13 -2.11
C ILE B 222 -12.21 -3.36 -2.13
N GLY B 223 -11.54 -3.55 -3.26
CA GLY B 223 -10.65 -4.68 -3.42
C GLY B 223 -9.37 -4.13 -4.02
N ALA B 224 -8.68 -4.91 -4.83
CA ALA B 224 -7.45 -4.42 -5.42
C ALA B 224 -7.79 -3.63 -6.66
N PRO B 225 -8.40 -4.30 -7.68
CA PRO B 225 -8.74 -3.55 -8.89
C PRO B 225 -10.23 -3.17 -8.92
N ARG B 226 -10.99 -3.81 -8.03
CA ARG B 226 -12.44 -3.61 -7.92
C ARG B 226 -12.81 -2.41 -7.07
N TYR B 227 -13.37 -1.40 -7.71
CA TYR B 227 -13.78 -0.19 -7.01
C TYR B 227 -15.29 -0.05 -7.04
N ARG B 228 -15.81 0.76 -6.13
CA ARG B 228 -17.23 1.00 -6.05
C ARG B 228 -17.53 2.49 -6.16
N VAL B 229 -18.71 2.80 -6.69
CA VAL B 229 -19.15 4.17 -6.84
C VAL B 229 -20.49 4.34 -6.14
N ASP B 230 -20.61 5.39 -5.34
CA ASP B 230 -21.86 5.66 -4.64
C ASP B 230 -22.50 6.97 -5.11
N VAL B 231 -23.78 6.87 -5.45
CA VAL B 231 -24.56 8.02 -5.88
C VAL B 231 -25.78 8.07 -4.98
N VAL B 232 -25.69 8.85 -3.91
CA VAL B 232 -26.80 8.99 -2.99
C VAL B 232 -27.40 10.36 -3.21
N GLY B 233 -28.66 10.38 -3.63
CA GLY B 233 -29.32 11.64 -3.87
C GLY B 233 -30.74 11.64 -3.34
N THR B 234 -31.51 12.63 -3.75
CA THR B 234 -32.89 12.73 -3.30
C THR B 234 -33.84 11.94 -4.18
N ASN B 235 -33.66 12.03 -5.49
CA ASN B 235 -34.53 11.33 -6.43
C ASN B 235 -34.08 9.92 -6.79
N PRO B 236 -34.73 8.90 -6.19
CA PRO B 236 -34.38 7.52 -6.48
C PRO B 236 -34.14 7.28 -7.96
N LYS B 237 -35.05 7.82 -8.76
CA LYS B 237 -35.02 7.67 -10.21
C LYS B 237 -33.93 8.36 -11.01
N GLU B 238 -32.95 8.97 -10.33
CA GLU B 238 -31.84 9.61 -11.02
C GLU B 238 -30.65 8.74 -10.70
N ALA B 239 -31.00 7.53 -10.29
CA ALA B 239 -30.09 6.47 -9.92
C ALA B 239 -29.02 6.33 -10.96
N SER B 240 -29.22 5.34 -11.81
CA SER B 240 -28.30 5.04 -12.89
C SER B 240 -28.01 6.34 -13.64
N GLU B 241 -29.08 7.05 -14.00
CA GLU B 241 -28.96 8.31 -14.71
C GLU B 241 -27.57 8.90 -14.46
N ALA B 242 -27.25 9.14 -13.18
CA ALA B 242 -25.96 9.70 -12.80
C ALA B 242 -24.88 8.63 -12.69
N LEU B 243 -25.23 7.49 -12.12
CA LEU B 243 -24.29 6.40 -11.96
C LEU B 243 -23.82 5.84 -13.30
N ASN B 244 -24.74 5.73 -14.26
CA ASN B 244 -24.43 5.21 -15.61
C ASN B 244 -23.51 6.15 -16.37
N GLN B 245 -23.82 7.44 -16.34
CA GLN B 245 -23.00 8.42 -17.03
C GLN B 245 -21.57 8.32 -16.47
N ILE B 246 -21.47 8.28 -15.14
CA ILE B 246 -20.17 8.18 -14.49
C ILE B 246 -19.43 6.93 -14.94
N ILE B 247 -20.00 5.77 -14.63
CA ILE B 247 -19.40 4.49 -14.99
C ILE B 247 -18.98 4.48 -16.46
N SER B 248 -19.64 5.30 -17.26
CA SER B 248 -19.30 5.37 -18.67
C SER B 248 -18.16 6.35 -18.86
N ASN B 249 -18.29 7.53 -18.25
CA ASN B 249 -17.26 8.56 -18.34
C ASN B 249 -15.89 7.95 -17.99
N LEU B 250 -15.89 7.09 -16.98
CA LEU B 250 -14.67 6.41 -16.53
C LEU B 250 -14.12 5.59 -17.69
N ILE B 251 -14.94 4.65 -18.16
CA ILE B 251 -14.54 3.80 -19.27
C ILE B 251 -14.00 4.63 -20.41
N LYS B 252 -14.79 5.59 -20.91
CA LYS B 252 -14.35 6.44 -22.00
C LYS B 252 -13.01 7.11 -21.73
N ILE B 253 -12.93 7.98 -20.72
CA ILE B 253 -11.68 8.65 -20.43
C ILE B 253 -10.56 7.66 -20.18
N GLY B 254 -10.88 6.59 -19.47
CA GLY B 254 -9.89 5.57 -19.18
C GLY B 254 -9.43 4.88 -20.44
N LYS B 255 -10.37 4.34 -21.20
CA LYS B 255 -10.07 3.64 -22.45
C LYS B 255 -9.47 4.64 -23.43
N GLU B 256 -8.90 5.71 -22.90
CA GLU B 256 -8.30 6.74 -23.74
C GLU B 256 -7.19 7.43 -22.96
N GLU B 257 -7.00 7.01 -21.71
CA GLU B 257 -5.98 7.60 -20.85
C GLU B 257 -5.03 6.52 -20.31
N ASN B 258 -4.89 5.43 -21.07
CA ASN B 258 -4.02 4.32 -20.70
C ASN B 258 -4.44 3.65 -19.41
N VAL B 259 -5.68 3.89 -19.00
CA VAL B 259 -6.24 3.29 -17.79
C VAL B 259 -7.38 2.36 -18.21
N ASP B 260 -7.23 1.07 -17.94
CA ASP B 260 -8.25 0.10 -18.31
C ASP B 260 -9.35 0.08 -17.24
N ILE B 261 -10.57 0.44 -17.63
CA ILE B 261 -11.70 0.46 -16.71
C ILE B 261 -12.91 -0.28 -17.29
N SER B 262 -13.62 -1.01 -16.43
CA SER B 262 -14.80 -1.77 -16.84
C SER B 262 -15.73 -2.04 -15.66
N VAL B 263 -16.95 -2.48 -15.94
CA VAL B 263 -17.93 -2.77 -14.89
C VAL B 263 -18.08 -4.27 -14.67
N VAL B 264 -18.33 -4.66 -13.43
CA VAL B 264 -18.50 -6.08 -13.10
C VAL B 264 -19.96 -6.46 -13.32
#